data_5TEZ
#
_entry.id   5TEZ
#
_cell.length_a   66.266
_cell.length_b   71.053
_cell.length_c   100.693
_cell.angle_alpha   90.000
_cell.angle_beta   96.220
_cell.angle_gamma   90.000
#
_symmetry.space_group_name_H-M   'P 1 21 1'
#
loop_
_entity.id
_entity.type
_entity.pdbx_description
1 polymer GLY-ILE-LEU-GLY-PHE-VAL-PHE-THR-LEU
2 polymer 'HLA class I histocompatibility antigen, A-2 alpha chain'
3 polymer Beta-2-microglobulin
4 polymer 'TCR F50 alpha chain'
5 polymer 'TCR F50 beta chain'
6 water water
#
loop_
_entity_poly.entity_id
_entity_poly.type
_entity_poly.pdbx_seq_one_letter_code
_entity_poly.pdbx_strand_id
1 'polypeptide(L)' GILGFVFTL C
2 'polypeptide(L)'
;GSHSMRYFFTSVSRPGRGEPRFIAVGYVDDTQFVRFDSDAASQRMEPRAPWIEQEGPEYWDGETRKVKAHSQTHRVDLGT
LRGYYNQSEAGSHTVQRMYGCDVGSDWRFLRGYHQYAYDGKDYIALKEDLRSWTAADMAAQTTKHKWEAAHVAEQLRAYL
EGTCVEWLRRYLENGKETLQRTDAPKTHMTHHAVSDHEATLRCWALSFYPAEITLTWQRDGEDQTQDTELVETRPAGDGT
FQKWAAVVVPSGQEQRYTCHVQHEGLPKPLTLRWE
;
A
3 'polypeptide(L)'
;AIQRTPKIQVYSRHPAENGKSNFLNCYVSGFHPSDIEVDLLKNGERIEKVEHSDLSFSKDWSFYLLYYTEFTPTEKDEYA
CRVNHVTLSQPKIVKWDRDM
;
B
4 'polypeptide(L)'
;GENVEQHPSTLSVQEGDSAVIKCTYSDSASNYFPWYKQELGKRPQLIIDIRSNVGEKKDQRIAVTLNKTAKHFSLHITET
QPEDSAVYFCAASFIIQGAQKLVFGQGTRLTINPNIQNPDPAVYQLRDSKSSDKSVCLFTDFDSQTNVSQSKDSDVYITD
KCVLDMRSMDFKSNSAVAWSNKSDFACANAFNNSIIPEDTFFPSPESS
;
I
5 'polypeptide(L)'
;EAQVTQNPRYLITVTGKKLTVTCSQNMNHEYMSWYRQDPGLGLRQIYYSMNVEVTDKGDVPEGYKVSRKEKRNFPLILES
PSPNQTSLYFCASSLLGGWSEAFFGQGTRLTVTEDLKNVFPPEVAVFEPSEAEISHTQKATLVCLATGFYPDHVELSWWV
NGKEVHSGVCTDPQPLKEQPALNDSRYALSSRLRVSATFWQNPRNHFRCQVQFYGLSENDEWTQDRAKPVTQIVSAEAWG
RAD
;
J
#
# COMPACT_ATOMS: atom_id res chain seq x y z
N GLY A 1 12.70 16.45 -5.18
CA GLY A 1 11.65 15.51 -5.40
C GLY A 1 10.99 14.98 -4.15
N ILE A 2 9.70 14.68 -4.27
CA ILE A 2 8.93 14.30 -3.15
C ILE A 2 8.99 12.80 -2.83
N LEU A 3 8.40 12.44 -1.72
CA LEU A 3 8.35 11.07 -1.29
C LEU A 3 7.70 10.18 -2.35
N GLY A 4 8.24 9.00 -2.48
CA GLY A 4 7.76 8.05 -3.41
C GLY A 4 6.95 6.92 -2.81
N PHE A 5 6.61 7.10 -1.57
CA PHE A 5 5.64 6.30 -0.91
C PHE A 5 4.63 7.16 -0.12
N VAL A 6 3.46 6.60 0.11
CA VAL A 6 2.46 7.27 0.92
C VAL A 6 1.84 6.33 1.98
N PHE A 7 1.29 6.96 2.98
CA PHE A 7 0.74 6.26 4.10
C PHE A 7 -0.36 7.12 4.75
N THR A 8 -1.46 6.47 5.07
CA THR A 8 -2.56 7.10 5.72
C THR A 8 -2.36 7.27 7.19
N LEU A 9 -2.91 8.33 7.74
CA LEU A 9 -2.84 8.50 9.15
C LEU A 9 -3.94 7.78 9.91
N GLY B 1 25.30 29.68 2.82
CA GLY B 1 25.82 28.75 3.80
C GLY B 1 25.11 27.42 3.88
N SER B 2 24.12 27.39 4.74
CA SER B 2 23.31 26.25 4.87
C SER B 2 22.13 26.34 3.94
N HIS B 3 21.57 25.20 3.59
CA HIS B 3 20.47 25.15 2.67
C HIS B 3 19.37 24.17 3.06
N SER B 4 18.18 24.42 2.54
CA SER B 4 17.07 23.54 2.80
C SER B 4 16.20 23.23 1.59
N MET B 5 15.56 22.06 1.66
CA MET B 5 14.48 21.73 0.77
C MET B 5 13.26 21.40 1.58
N ARG B 6 12.14 21.98 1.22
CA ARG B 6 10.92 21.78 1.96
C ARG B 6 9.73 21.68 1.06
N TYR B 7 8.84 20.80 1.42
CA TYR B 7 7.60 20.66 0.75
C TYR B 7 6.48 20.92 1.73
N PHE B 8 5.49 21.65 1.27
CA PHE B 8 4.35 22.05 2.06
C PHE B 8 3.07 21.58 1.41
N PHE B 9 2.22 20.89 2.14
CA PHE B 9 1.01 20.35 1.62
C PHE B 9 -0.20 20.79 2.46
N THR B 10 -1.25 21.22 1.75
CA THR B 10 -2.47 21.64 2.38
C THR B 10 -3.66 20.98 1.70
N SER B 11 -4.48 20.33 2.51
CA SER B 11 -5.71 19.74 2.11
C SER B 11 -6.85 20.32 2.94
N VAL B 12 -7.82 20.88 2.23
CA VAL B 12 -8.93 21.61 2.84
C VAL B 12 -10.28 21.05 2.40
N SER B 13 -11.07 20.62 3.35
CA SER B 13 -12.37 20.12 3.06
C SER B 13 -13.33 21.28 3.07
N ARG B 14 -14.36 21.19 2.28
CA ARG B 14 -15.41 22.18 2.28
C ARG B 14 -16.64 21.49 2.92
N PRO B 15 -17.54 22.24 3.51
CA PRO B 15 -18.68 21.60 4.07
C PRO B 15 -19.48 20.87 3.04
N GLY B 16 -20.29 19.93 3.44
CA GLY B 16 -21.13 19.26 2.51
C GLY B 16 -20.51 18.10 1.75
N ARG B 17 -19.41 17.63 2.26
CA ARG B 17 -18.88 16.37 1.79
C ARG B 17 -18.31 16.47 0.40
N GLY B 18 -17.93 17.63 0.02
CA GLY B 18 -17.42 17.84 -1.32
C GLY B 18 -15.98 17.46 -1.37
N GLU B 19 -15.34 17.68 -2.48
CA GLU B 19 -14.05 17.14 -2.55
C GLU B 19 -13.08 18.22 -2.21
N PRO B 20 -12.09 17.86 -1.45
CA PRO B 20 -11.19 18.80 -0.85
C PRO B 20 -10.29 19.46 -1.81
N ARG B 21 -9.80 20.61 -1.47
CA ARG B 21 -8.80 21.16 -2.29
C ARG B 21 -7.41 20.79 -1.73
N PHE B 22 -6.49 20.51 -2.63
CA PHE B 22 -5.13 20.12 -2.30
C PHE B 22 -4.10 20.98 -3.01
N ILE B 23 -3.20 21.58 -2.26
CA ILE B 23 -2.15 22.38 -2.76
C ILE B 23 -0.82 21.93 -2.20
N ALA B 24 0.10 21.68 -3.08
CA ALA B 24 1.44 21.38 -2.73
C ALA B 24 2.41 22.41 -3.32
N VAL B 25 3.39 22.79 -2.53
CA VAL B 25 4.46 23.59 -3.00
C VAL B 25 5.80 23.10 -2.45
N GLY B 26 6.82 23.34 -3.24
CA GLY B 26 8.15 23.03 -2.89
C GLY B 26 9.09 24.19 -2.95
N TYR B 27 9.95 24.26 -1.96
CA TYR B 27 10.90 25.31 -1.80
C TYR B 27 12.32 24.77 -1.67
N VAL B 28 13.26 25.48 -2.27
CA VAL B 28 14.66 25.42 -1.92
C VAL B 28 15.01 26.76 -1.29
N ASP B 29 15.47 26.70 -0.07
CA ASP B 29 15.73 27.87 0.71
C ASP B 29 14.50 28.74 0.67
N ASP B 30 14.65 30.00 0.36
CA ASP B 30 13.49 30.86 0.25
C ASP B 30 12.95 31.04 -1.18
N THR B 31 13.14 30.04 -2.02
CA THR B 31 12.71 30.08 -3.39
C THR B 31 11.79 28.94 -3.82
N GLN B 32 10.57 29.25 -4.17
CA GLN B 32 9.67 28.22 -4.63
C GLN B 32 10.06 27.65 -5.98
N PHE B 33 9.85 26.36 -6.19
CA PHE B 33 10.27 25.82 -7.45
C PHE B 33 9.25 24.88 -8.09
N VAL B 34 8.30 24.36 -7.32
CA VAL B 34 7.21 23.61 -7.88
C VAL B 34 5.89 23.83 -7.15
N ARG B 35 4.82 23.49 -7.84
CA ARG B 35 3.46 23.52 -7.36
C ARG B 35 2.57 22.38 -7.93
N PHE B 36 1.58 22.00 -7.14
CA PHE B 36 0.43 21.27 -7.58
C PHE B 36 -0.79 21.86 -6.90
N ASP B 37 -1.78 22.18 -7.72
CA ASP B 37 -3.07 22.65 -7.26
C ASP B 37 -4.17 21.87 -7.88
N SER B 38 -4.95 21.24 -7.05
CA SER B 38 -6.05 20.45 -7.51
C SER B 38 -7.12 21.21 -8.26
N ASP B 39 -7.18 22.51 -8.06
CA ASP B 39 -8.14 23.34 -8.71
C ASP B 39 -7.74 23.65 -10.14
N ALA B 40 -6.46 23.64 -10.40
CA ALA B 40 -6.00 23.99 -11.70
C ALA B 40 -6.23 22.92 -12.77
N ALA B 41 -6.03 23.31 -14.00
CA ALA B 41 -6.47 22.48 -15.10
C ALA B 41 -5.57 21.34 -15.38
N SER B 42 -4.28 21.59 -15.29
CA SER B 42 -3.28 20.63 -15.70
C SER B 42 -3.37 19.30 -15.02
N GLN B 43 -3.66 19.34 -13.73
CA GLN B 43 -3.54 18.19 -12.83
C GLN B 43 -2.14 17.61 -12.87
N ARG B 44 -1.17 18.48 -12.91
CA ARG B 44 0.21 18.09 -12.96
C ARG B 44 1.07 18.87 -12.03
N MET B 45 2.17 18.30 -11.62
CA MET B 45 3.13 19.09 -10.92
C MET B 45 3.67 20.06 -11.96
N GLU B 46 3.82 21.32 -11.58
CA GLU B 46 4.21 22.40 -12.44
C GLU B 46 5.43 23.12 -11.91
N PRO B 47 6.27 23.63 -12.82
CA PRO B 47 7.43 24.41 -12.50
C PRO B 47 7.10 25.80 -12.07
N ARG B 48 7.89 26.30 -11.14
CA ARG B 48 7.74 27.66 -10.69
C ARG B 48 9.06 28.36 -10.47
N ALA B 49 10.09 27.75 -11.02
CA ALA B 49 11.40 28.33 -11.08
C ALA B 49 12.07 27.93 -12.38
N PRO B 50 12.92 28.78 -12.90
CA PRO B 50 13.51 28.49 -14.19
C PRO B 50 14.43 27.32 -14.23
N TRP B 51 15.12 27.06 -13.15
CA TRP B 51 16.12 26.06 -13.14
C TRP B 51 15.56 24.64 -13.08
N ILE B 52 14.30 24.49 -12.70
CA ILE B 52 13.67 23.18 -12.62
C ILE B 52 13.05 22.77 -13.96
N GLU B 53 12.82 23.75 -14.80
CA GLU B 53 12.16 23.49 -16.06
C GLU B 53 12.93 22.53 -16.97
N GLN B 54 14.23 22.49 -16.85
CA GLN B 54 15.02 21.57 -17.62
C GLN B 54 14.80 20.12 -17.28
N GLU B 55 14.23 19.81 -16.14
CA GLU B 55 13.94 18.44 -15.85
C GLU B 55 13.01 17.84 -16.92
N GLY B 56 13.29 16.61 -17.21
CA GLY B 56 12.57 15.92 -18.23
C GLY B 56 11.27 15.31 -17.82
N PRO B 57 10.59 14.73 -18.80
CA PRO B 57 9.27 14.20 -18.59
C PRO B 57 9.17 13.15 -17.50
N GLU B 58 10.17 12.33 -17.34
CA GLU B 58 10.11 11.36 -16.30
C GLU B 58 10.05 12.01 -14.91
N TYR B 59 10.67 13.17 -14.78
CA TYR B 59 10.55 13.93 -13.57
C TYR B 59 9.11 14.35 -13.32
N TRP B 60 8.58 15.07 -14.29
CA TRP B 60 7.30 15.69 -14.16
C TRP B 60 6.22 14.66 -14.05
N ASP B 61 6.30 13.58 -14.82
CA ASP B 61 5.32 12.53 -14.70
C ASP B 61 5.39 11.80 -13.37
N GLY B 62 6.59 11.61 -12.89
CA GLY B 62 6.86 11.00 -11.62
C GLY B 62 6.43 11.82 -10.43
N GLU B 63 6.80 13.07 -10.42
CA GLU B 63 6.33 14.00 -9.42
C GLU B 63 4.80 14.16 -9.44
N THR B 64 4.21 14.13 -10.62
CA THR B 64 2.79 14.16 -10.74
C THR B 64 2.10 12.93 -10.14
N ARG B 65 2.62 11.77 -10.43
CA ARG B 65 1.97 10.60 -9.93
C ARG B 65 2.13 10.50 -8.41
N LYS B 66 3.27 10.89 -7.90
CA LYS B 66 3.48 10.85 -6.47
C LYS B 66 2.62 11.90 -5.77
N VAL B 67 2.49 13.07 -6.34
CA VAL B 67 1.78 14.10 -5.64
C VAL B 67 0.28 13.82 -5.68
N LYS B 68 -0.16 13.19 -6.72
CA LYS B 68 -1.56 12.79 -6.75
C LYS B 68 -1.88 11.74 -5.69
N ALA B 69 -0.92 10.88 -5.41
CA ALA B 69 -1.08 9.93 -4.37
C ALA B 69 -1.00 10.62 -2.99
N HIS B 70 -0.16 11.62 -2.86
CA HIS B 70 -0.19 12.41 -1.68
C HIS B 70 -1.60 13.00 -1.47
N SER B 71 -2.12 13.57 -2.53
CA SER B 71 -3.43 14.13 -2.46
C SER B 71 -4.51 13.14 -2.07
N GLN B 72 -4.50 12.03 -2.71
CA GLN B 72 -5.45 11.04 -2.41
C GLN B 72 -5.40 10.57 -0.94
N THR B 73 -4.20 10.41 -0.43
CA THR B 73 -4.00 10.04 0.93
C THR B 73 -4.61 11.05 1.93
N HIS B 74 -4.39 12.31 1.64
CA HIS B 74 -4.87 13.34 2.50
C HIS B 74 -6.39 13.44 2.45
N ARG B 75 -6.97 13.06 1.35
CA ARG B 75 -8.41 13.10 1.24
C ARG B 75 -8.99 12.10 2.22
N VAL B 76 -8.45 10.92 2.22
CA VAL B 76 -8.80 9.95 3.20
C VAL B 76 -8.54 10.43 4.63
N ASP B 77 -7.35 10.98 4.84
CA ASP B 77 -7.00 11.48 6.15
C ASP B 77 -8.03 12.45 6.76
N LEU B 78 -8.56 13.31 5.93
CA LEU B 78 -9.52 14.29 6.41
C LEU B 78 -10.74 13.60 6.97
N GLY B 79 -11.18 12.57 6.28
CA GLY B 79 -12.25 11.76 6.84
C GLY B 79 -11.93 11.01 8.14
N THR B 80 -10.79 10.39 8.15
CA THR B 80 -10.30 9.71 9.29
C THR B 80 -10.18 10.60 10.53
N LEU B 81 -9.66 11.79 10.34
CA LEU B 81 -9.53 12.73 11.42
C LEU B 81 -10.89 13.18 11.97
N ARG B 82 -11.88 13.28 11.11
CA ARG B 82 -13.18 13.66 11.58
C ARG B 82 -13.64 12.62 12.56
N GLY B 83 -13.47 11.37 12.20
CA GLY B 83 -13.68 10.29 13.12
C GLY B 83 -12.90 10.35 14.42
N TYR B 84 -11.61 10.55 14.34
CA TYR B 84 -10.80 10.58 15.53
C TYR B 84 -11.23 11.67 16.50
N TYR B 85 -11.71 12.78 16.01
CA TYR B 85 -12.05 13.92 16.84
C TYR B 85 -13.56 14.03 17.11
N ASN B 86 -14.27 13.02 16.67
CA ASN B 86 -15.68 12.93 16.76
C ASN B 86 -16.37 14.17 16.27
N GLN B 87 -16.02 14.55 15.06
CA GLN B 87 -16.52 15.74 14.46
C GLN B 87 -17.62 15.43 13.44
N SER B 88 -18.54 16.37 13.32
CA SER B 88 -19.62 16.27 12.34
C SER B 88 -19.11 16.54 10.94
N GLU B 89 -19.87 16.22 9.94
CA GLU B 89 -19.45 16.62 8.66
C GLU B 89 -19.93 18.00 8.23
N ALA B 90 -20.25 18.81 9.20
CA ALA B 90 -20.70 20.17 9.04
C ALA B 90 -19.65 21.19 8.68
N GLY B 91 -18.47 21.10 9.20
CA GLY B 91 -17.57 22.16 8.88
C GLY B 91 -16.52 21.96 7.79
N SER B 92 -15.63 22.92 7.69
CA SER B 92 -14.46 22.86 6.87
C SER B 92 -13.30 22.52 7.78
N HIS B 93 -12.42 21.65 7.32
CA HIS B 93 -11.28 21.23 8.09
C HIS B 93 -10.01 21.24 7.24
N THR B 94 -8.88 21.25 7.92
CA THR B 94 -7.62 21.43 7.24
C THR B 94 -6.56 20.44 7.70
N VAL B 95 -5.93 19.80 6.75
CA VAL B 95 -4.73 19.08 7.04
C VAL B 95 -3.52 19.76 6.39
N GLN B 96 -2.48 19.95 7.17
CA GLN B 96 -1.21 20.44 6.72
C GLN B 96 -0.11 19.45 6.98
N ARG B 97 0.83 19.43 6.08
CA ARG B 97 1.99 18.60 6.18
C ARG B 97 3.22 19.29 5.61
N MET B 98 4.33 19.14 6.32
CA MET B 98 5.60 19.65 5.85
C MET B 98 6.67 18.62 6.08
N TYR B 99 7.55 18.48 5.12
CA TYR B 99 8.71 17.70 5.28
C TYR B 99 9.84 18.22 4.42
N GLY B 100 11.04 17.87 4.83
CA GLY B 100 12.20 18.25 4.09
C GLY B 100 13.50 18.10 4.88
N CYS B 101 14.57 18.60 4.32
CA CYS B 101 15.86 18.44 4.90
C CYS B 101 16.70 19.73 4.84
N ASP B 102 17.61 19.85 5.81
CA ASP B 102 18.64 20.90 5.86
C ASP B 102 20.01 20.29 5.61
N VAL B 103 20.87 21.03 4.94
CA VAL B 103 22.27 20.64 4.84
C VAL B 103 23.16 21.78 5.30
N GLY B 104 24.32 21.39 5.78
CA GLY B 104 25.32 22.33 6.16
C GLY B 104 26.08 22.93 5.01
N SER B 105 27.05 23.77 5.35
CA SER B 105 27.84 24.46 4.36
C SER B 105 28.53 23.49 3.46
N ASP B 106 28.76 22.31 3.95
CA ASP B 106 29.38 21.27 3.21
C ASP B 106 28.43 20.43 2.41
N TRP B 107 27.19 20.88 2.41
CA TRP B 107 26.06 20.22 1.81
C TRP B 107 25.80 18.78 2.33
N ARG B 108 26.20 18.51 3.54
CA ARG B 108 25.93 17.25 4.19
C ARG B 108 24.67 17.38 5.07
N PHE B 109 23.95 16.31 5.20
CA PHE B 109 22.76 16.30 5.99
C PHE B 109 23.00 16.90 7.35
N LEU B 110 22.08 17.72 7.77
CA LEU B 110 22.13 18.30 9.08
C LEU B 110 20.88 17.95 9.91
N ARG B 111 19.76 17.99 9.25
CA ARG B 111 18.51 17.88 9.93
C ARG B 111 17.38 17.51 8.98
N GLY B 112 16.43 16.77 9.48
CA GLY B 112 15.24 16.46 8.74
C GLY B 112 13.93 16.75 9.49
N TYR B 113 12.86 16.88 8.74
CA TYR B 113 11.57 17.27 9.27
C TYR B 113 10.49 16.49 8.59
N HIS B 114 9.49 16.09 9.35
CA HIS B 114 8.28 15.51 8.77
C HIS B 114 7.13 15.61 9.76
N GLN B 115 6.21 16.49 9.50
CA GLN B 115 5.23 16.81 10.50
C GLN B 115 3.86 17.24 9.93
N TYR B 116 2.84 17.00 10.73
CA TYR B 116 1.45 17.28 10.39
C TYR B 116 0.75 18.20 11.39
N ALA B 117 -0.19 18.95 10.87
CA ALA B 117 -1.15 19.70 11.67
C ALA B 117 -2.57 19.45 11.23
N TYR B 118 -3.48 19.54 12.17
CA TYR B 118 -4.89 19.42 11.88
C TYR B 118 -5.61 20.63 12.43
N ASP B 119 -6.35 21.26 11.56
CA ASP B 119 -6.97 22.49 11.85
C ASP B 119 -6.06 23.48 12.59
N GLY B 120 -4.84 23.53 12.11
CA GLY B 120 -3.93 24.50 12.60
C GLY B 120 -3.13 24.19 13.83
N LYS B 121 -3.34 23.01 14.38
CA LYS B 121 -2.66 22.58 15.56
C LYS B 121 -1.78 21.37 15.29
N ASP B 122 -0.67 21.30 15.98
CA ASP B 122 0.23 20.17 15.84
C ASP B 122 -0.56 18.88 15.95
N TYR B 123 -0.35 17.93 15.04
CA TYR B 123 -0.99 16.62 15.16
C TYR B 123 0.05 15.54 15.45
N ILE B 124 0.99 15.37 14.56
CA ILE B 124 2.12 14.47 14.79
C ILE B 124 3.36 14.96 14.08
N ALA B 125 4.50 14.67 14.67
CA ALA B 125 5.76 15.03 14.16
C ALA B 125 6.84 13.97 14.38
N LEU B 126 7.68 13.83 13.38
CA LEU B 126 8.85 13.03 13.50
C LEU B 126 9.86 13.80 14.34
N LYS B 127 10.36 13.19 15.37
CA LYS B 127 11.38 13.80 16.14
C LYS B 127 12.72 13.89 15.37
N GLU B 128 13.63 14.66 15.93
CA GLU B 128 14.88 14.99 15.32
C GLU B 128 15.77 13.79 15.05
N ASP B 129 15.67 12.76 15.87
CA ASP B 129 16.41 11.53 15.64
C ASP B 129 15.91 10.72 14.41
N LEU B 130 14.78 11.14 13.88
CA LEU B 130 14.15 10.52 12.77
C LEU B 130 13.83 9.07 13.04
N ARG B 131 13.67 8.73 14.30
CA ARG B 131 13.42 7.36 14.65
C ARG B 131 12.21 7.20 15.55
N SER B 132 11.65 8.30 15.97
CA SER B 132 10.54 8.30 16.88
C SER B 132 9.58 9.45 16.66
N TRP B 133 8.41 9.34 17.22
CA TRP B 133 7.35 10.27 16.98
C TRP B 133 6.89 11.06 18.21
N THR B 134 6.37 12.24 17.96
CA THR B 134 5.73 13.07 18.96
C THR B 134 4.29 13.40 18.57
N ALA B 135 3.36 13.09 19.42
CA ALA B 135 1.99 13.42 19.16
C ALA B 135 1.34 13.89 20.45
N ALA B 136 0.85 15.11 20.49
CA ALA B 136 0.36 15.62 21.72
C ALA B 136 -1.02 15.08 22.09
N ASP B 137 -1.94 15.04 21.18
CA ASP B 137 -3.21 14.64 21.72
C ASP B 137 -3.51 13.22 21.63
N MET B 138 -4.51 12.86 22.40
CA MET B 138 -4.96 11.52 22.48
C MET B 138 -5.32 10.95 21.14
N ALA B 139 -5.99 11.78 20.38
CA ALA B 139 -6.48 11.38 19.10
C ALA B 139 -5.40 10.97 18.17
N ALA B 140 -4.23 11.54 18.31
CA ALA B 140 -3.14 11.31 17.43
C ALA B 140 -2.34 10.06 17.78
N GLN B 141 -2.57 9.52 18.96
CA GLN B 141 -1.84 8.34 19.35
C GLN B 141 -2.10 7.18 18.44
N THR B 142 -3.28 7.08 17.89
CA THR B 142 -3.60 5.98 17.02
C THR B 142 -2.69 5.97 15.79
N THR B 143 -2.48 7.16 15.27
CA THR B 143 -1.62 7.34 14.16
C THR B 143 -0.16 7.00 14.51
N LYS B 144 0.28 7.46 15.63
CA LYS B 144 1.62 7.19 16.07
C LYS B 144 1.83 5.68 16.16
N HIS B 145 0.87 5.03 16.76
CA HIS B 145 0.96 3.60 16.93
C HIS B 145 0.90 2.81 15.61
N LYS B 146 0.07 3.25 14.68
CA LYS B 146 0.12 2.65 13.37
C LYS B 146 1.46 2.78 12.71
N TRP B 147 1.95 4.00 12.74
CA TRP B 147 3.15 4.30 12.02
C TRP B 147 4.36 3.67 12.71
N GLU B 148 4.29 3.55 14.01
CA GLU B 148 5.36 2.87 14.70
C GLU B 148 5.40 1.38 14.31
N ALA B 149 4.24 0.76 14.31
CA ALA B 149 4.17 -0.62 14.03
C ALA B 149 4.57 -0.96 12.59
N ALA B 150 4.32 -0.03 11.67
CA ALA B 150 4.67 -0.22 10.27
C ALA B 150 6.02 0.33 9.88
N HIS B 151 6.76 0.78 10.86
CA HIS B 151 8.08 1.27 10.69
C HIS B 151 8.21 2.37 9.64
N VAL B 152 7.21 3.22 9.60
CA VAL B 152 7.22 4.35 8.70
C VAL B 152 8.45 5.27 8.87
N ALA B 153 8.86 5.50 10.10
CA ALA B 153 9.96 6.39 10.37
C ALA B 153 11.25 5.94 9.74
N GLU B 154 11.47 4.66 9.70
CA GLU B 154 12.67 4.12 9.08
C GLU B 154 12.74 4.49 7.61
N GLN B 155 11.62 4.46 6.96
CA GLN B 155 11.54 4.80 5.56
C GLN B 155 11.70 6.31 5.36
N LEU B 156 11.10 7.09 6.25
CA LEU B 156 11.27 8.52 6.15
C LEU B 156 12.70 8.90 6.42
N ARG B 157 13.33 8.22 7.35
CA ARG B 157 14.70 8.54 7.70
C ARG B 157 15.64 8.30 6.51
N ALA B 158 15.39 7.27 5.76
CA ALA B 158 16.22 7.02 4.60
C ALA B 158 16.05 8.09 3.50
N TYR B 159 14.83 8.54 3.31
CA TYR B 159 14.58 9.66 2.42
C TYR B 159 15.22 10.92 2.92
N LEU B 160 15.00 11.26 4.18
CA LEU B 160 15.41 12.57 4.67
C LEU B 160 16.94 12.73 4.73
N GLU B 161 17.62 11.67 5.10
CA GLU B 161 19.07 11.68 5.21
C GLU B 161 19.71 11.41 3.89
N GLY B 162 18.92 10.95 2.97
CA GLY B 162 19.46 10.43 1.74
C GLY B 162 18.95 11.11 0.50
N THR B 163 17.91 10.56 -0.03
CA THR B 163 17.24 11.06 -1.19
C THR B 163 17.02 12.54 -1.17
N CYS B 164 16.46 13.02 -0.08
CA CYS B 164 16.16 14.43 0.07
C CYS B 164 17.40 15.29 -0.18
N VAL B 165 18.47 14.91 0.42
CA VAL B 165 19.69 15.67 0.33
C VAL B 165 20.23 15.61 -1.10
N GLU B 166 20.10 14.46 -1.72
CA GLU B 166 20.49 14.32 -3.09
C GLU B 166 19.71 15.25 -4.01
N TRP B 167 18.41 15.35 -3.82
CA TRP B 167 17.66 16.28 -4.60
C TRP B 167 18.10 17.72 -4.36
N LEU B 168 18.27 18.05 -3.11
CA LEU B 168 18.64 19.37 -2.74
C LEU B 168 19.98 19.78 -3.38
N ARG B 169 20.92 18.88 -3.29
CA ARG B 169 22.18 19.09 -3.96
C ARG B 169 22.00 19.27 -5.47
N ARG B 170 21.17 18.48 -6.07
CA ARG B 170 20.90 18.61 -7.50
C ARG B 170 20.31 19.96 -7.85
N TYR B 171 19.39 20.42 -7.06
CA TYR B 171 18.76 21.68 -7.33
C TYR B 171 19.68 22.84 -7.07
N LEU B 172 20.53 22.74 -6.07
CA LEU B 172 21.48 23.77 -5.78
C LEU B 172 22.50 23.94 -6.92
N GLU B 173 22.85 22.84 -7.54
CA GLU B 173 23.80 22.88 -8.60
C GLU B 173 23.13 23.40 -9.85
N ASN B 174 22.03 22.79 -10.22
CA ASN B 174 21.33 23.25 -11.39
C ASN B 174 20.78 24.65 -11.31
N GLY B 175 20.44 25.10 -10.12
CA GLY B 175 19.95 26.43 -9.87
C GLY B 175 20.91 27.42 -9.23
N LYS B 176 22.18 27.16 -9.43
CA LYS B 176 23.27 27.84 -8.81
C LYS B 176 23.24 29.33 -8.92
N GLU B 177 22.96 29.83 -10.10
CA GLU B 177 22.90 31.24 -10.32
C GLU B 177 21.82 31.96 -9.52
N THR B 178 20.78 31.25 -9.19
CA THR B 178 19.64 31.75 -8.45
C THR B 178 19.78 31.45 -6.98
N LEU B 179 20.01 30.20 -6.68
CA LEU B 179 20.06 29.76 -5.31
C LEU B 179 21.31 30.07 -4.48
N GLN B 180 22.45 30.04 -5.13
CA GLN B 180 23.70 30.24 -4.43
C GLN B 180 24.16 31.71 -4.42
N ARG B 181 23.26 32.59 -4.72
CA ARG B 181 23.51 33.99 -4.70
C ARG B 181 23.19 34.58 -3.34
N THR B 182 23.85 35.68 -3.04
CA THR B 182 23.44 36.52 -1.98
C THR B 182 23.28 37.94 -2.51
N ASP B 183 22.13 38.51 -2.23
CA ASP B 183 21.81 39.87 -2.55
C ASP B 183 21.76 40.69 -1.25
N ALA B 184 22.77 41.48 -1.05
CA ALA B 184 22.82 42.37 0.10
C ALA B 184 21.69 43.41 0.04
N PRO B 185 21.14 43.74 1.18
CA PRO B 185 20.08 44.71 1.26
C PRO B 185 20.52 46.09 0.81
N LYS B 186 19.65 46.73 0.07
CA LYS B 186 19.74 48.12 -0.19
C LYS B 186 18.99 48.82 0.90
N THR B 187 19.65 49.76 1.56
CA THR B 187 19.10 50.40 2.72
C THR B 187 18.95 51.92 2.64
N HIS B 188 17.94 52.42 3.32
CA HIS B 188 17.77 53.83 3.49
C HIS B 188 16.85 54.14 4.68
N MET B 189 16.88 55.38 5.12
CA MET B 189 16.03 55.79 6.20
C MET B 189 15.11 56.91 5.78
N THR B 190 13.91 56.87 6.28
CA THR B 190 13.00 57.93 6.13
C THR B 190 12.57 58.55 7.43
N HIS B 191 12.00 59.72 7.29
CA HIS B 191 11.66 60.58 8.37
C HIS B 191 10.36 61.29 8.03
N HIS B 192 9.38 61.17 8.89
CA HIS B 192 8.15 61.94 8.81
C HIS B 192 7.74 62.53 10.11
N ALA B 193 7.16 63.70 10.06
CA ALA B 193 6.72 64.33 11.27
C ALA B 193 5.48 63.68 11.82
N VAL B 194 5.41 63.55 13.13
CA VAL B 194 4.23 63.01 13.76
C VAL B 194 3.83 63.97 14.90
N SER B 195 2.53 64.12 15.08
CA SER B 195 2.00 64.97 16.14
C SER B 195 2.62 66.33 16.03
N ASP B 196 2.79 67.06 17.13
CA ASP B 196 3.35 68.38 17.00
C ASP B 196 4.88 68.46 17.08
N HIS B 197 5.47 67.49 17.75
CA HIS B 197 6.88 67.52 18.01
C HIS B 197 7.57 66.13 18.04
N GLU B 198 7.13 65.21 17.22
CA GLU B 198 7.75 63.90 17.19
C GLU B 198 7.97 63.53 15.76
N ALA B 199 8.75 62.52 15.54
CA ALA B 199 8.98 62.06 14.22
C ALA B 199 9.09 60.55 14.18
N THR B 200 8.63 59.96 13.08
CA THR B 200 8.88 58.58 12.74
C THR B 200 10.16 58.45 11.95
N LEU B 201 11.03 57.59 12.43
CA LEU B 201 12.16 57.15 11.67
C LEU B 201 11.91 55.73 11.21
N ARG B 202 12.13 55.49 9.93
CA ARG B 202 11.94 54.16 9.37
C ARG B 202 13.18 53.70 8.60
N CYS B 203 13.72 52.59 9.04
CA CYS B 203 14.87 51.95 8.48
C CYS B 203 14.42 50.83 7.52
N TRP B 204 14.85 50.95 6.30
CA TRP B 204 14.47 50.09 5.25
C TRP B 204 15.59 49.20 4.76
N ALA B 205 15.22 47.96 4.49
CA ALA B 205 16.03 47.00 3.79
C ALA B 205 15.26 46.41 2.63
N LEU B 206 15.81 46.59 1.46
CA LEU B 206 15.16 46.16 0.23
C LEU B 206 16.06 45.30 -0.67
N SER B 207 15.41 44.55 -1.53
CA SER B 207 16.07 43.74 -2.53
C SER B 207 17.12 42.76 -2.00
N PHE B 208 16.87 42.16 -0.87
CA PHE B 208 17.77 41.18 -0.36
C PHE B 208 17.32 39.71 -0.50
N TYR B 209 18.34 38.86 -0.50
CA TYR B 209 18.22 37.43 -0.53
C TYR B 209 19.47 36.83 0.10
N PRO B 210 19.29 35.80 0.92
CA PRO B 210 18.02 35.25 1.34
C PRO B 210 17.25 36.10 2.34
N ALA B 211 16.13 35.60 2.82
CA ALA B 211 15.18 36.36 3.58
C ALA B 211 15.64 36.67 4.97
N GLU B 212 16.49 35.84 5.52
CA GLU B 212 17.01 36.10 6.83
C GLU B 212 17.76 37.45 6.97
N ILE B 213 17.27 38.26 7.88
CA ILE B 213 17.81 39.57 8.12
C ILE B 213 17.48 40.02 9.53
N THR B 214 18.32 40.89 10.06
CA THR B 214 18.12 41.52 11.35
C THR B 214 18.22 43.04 11.24
N LEU B 215 17.16 43.68 11.68
CA LEU B 215 17.11 45.10 11.83
C LEU B 215 16.85 45.53 13.25
N THR B 216 17.73 46.32 13.81
CA THR B 216 17.55 46.76 15.16
C THR B 216 17.85 48.23 15.41
N TRP B 217 17.15 48.80 16.36
CA TRP B 217 17.30 50.18 16.73
C TRP B 217 18.06 50.33 18.02
N GLN B 218 18.90 51.35 18.07
CA GLN B 218 19.61 51.71 19.28
C GLN B 218 19.35 53.18 19.56
N ARG B 219 19.19 53.50 20.83
CA ARG B 219 19.21 54.85 21.31
C ARG B 219 20.46 55.10 22.10
N ASP B 220 21.27 55.98 21.60
CA ASP B 220 22.52 56.24 22.21
C ASP B 220 23.31 54.95 22.44
N GLY B 221 23.20 54.04 21.52
CA GLY B 221 23.86 52.79 21.62
C GLY B 221 23.27 51.72 22.52
N GLU B 222 22.06 51.96 22.94
CA GLU B 222 21.31 51.04 23.73
C GLU B 222 20.15 50.45 22.93
N ASP B 223 20.15 49.16 22.78
CA ASP B 223 19.15 48.50 22.04
C ASP B 223 17.79 48.89 22.50
N GLN B 224 16.87 49.04 21.58
CA GLN B 224 15.54 49.43 21.94
C GLN B 224 14.45 48.70 21.13
N THR B 225 13.54 48.05 21.82
CA THR B 225 12.34 47.52 21.21
C THR B 225 11.06 48.27 21.60
N GLN B 226 11.14 49.22 22.52
CA GLN B 226 10.03 49.99 22.93
C GLN B 226 9.73 51.07 21.98
N ASP B 227 8.45 51.24 21.71
CA ASP B 227 7.96 52.15 20.72
C ASP B 227 8.56 51.91 19.40
N THR B 228 8.90 50.68 19.16
CA THR B 228 9.47 50.22 17.95
C THR B 228 8.49 49.37 17.14
N GLU B 229 8.51 49.50 15.83
CA GLU B 229 7.68 48.69 15.00
C GLU B 229 8.51 47.94 13.99
N LEU B 230 8.32 46.65 13.96
CA LEU B 230 9.07 45.79 13.08
C LEU B 230 8.15 44.99 12.23
N VAL B 231 8.15 45.13 10.92
CA VAL B 231 7.28 44.33 10.15
C VAL B 231 7.87 43.04 9.74
N GLU B 232 6.99 42.12 9.41
CA GLU B 232 7.37 40.82 8.95
C GLU B 232 8.13 41.00 7.65
N THR B 233 9.17 40.22 7.48
CA THR B 233 9.89 40.21 6.26
C THR B 233 8.95 39.76 5.16
N ARG B 234 8.97 40.46 4.06
CA ARG B 234 7.97 40.27 3.04
C ARG B 234 8.58 40.11 1.66
N PRO B 235 7.92 39.32 0.83
CA PRO B 235 8.33 39.16 -0.55
C PRO B 235 8.07 40.34 -1.42
N ALA B 236 9.07 40.69 -2.19
CA ALA B 236 8.97 41.74 -3.15
C ALA B 236 8.19 41.30 -4.38
N GLY B 237 8.22 40.02 -4.65
CA GLY B 237 7.59 39.50 -5.84
C GLY B 237 8.50 39.16 -6.99
N ASP B 238 9.77 39.46 -6.81
CA ASP B 238 10.78 39.28 -7.80
C ASP B 238 11.89 38.32 -7.34
N GLY B 239 11.66 37.62 -6.26
CA GLY B 239 12.63 36.74 -5.70
C GLY B 239 13.51 37.30 -4.59
N THR B 240 13.34 38.58 -4.30
CA THR B 240 13.96 39.19 -3.20
C THR B 240 12.95 39.54 -2.12
N PHE B 241 13.47 39.97 -0.99
CA PHE B 241 12.66 40.33 0.14
C PHE B 241 12.89 41.77 0.64
N GLN B 242 11.95 42.22 1.45
CA GLN B 242 11.92 43.52 2.05
C GLN B 242 11.62 43.47 3.57
N LYS B 243 12.10 44.46 4.27
CA LYS B 243 11.75 44.64 5.65
C LYS B 243 11.97 46.07 6.09
N TRP B 244 11.21 46.52 7.05
CA TRP B 244 11.49 47.77 7.69
C TRP B 244 11.22 47.76 9.21
N ALA B 245 11.88 48.67 9.88
CA ALA B 245 11.71 48.91 11.27
C ALA B 245 11.59 50.41 11.57
N ALA B 246 10.68 50.76 12.43
CA ALA B 246 10.45 52.13 12.71
C ALA B 246 10.42 52.43 14.21
N VAL B 247 10.76 53.66 14.52
CA VAL B 247 10.68 54.21 15.84
C VAL B 247 10.12 55.58 15.83
N VAL B 248 9.41 55.93 16.90
CA VAL B 248 8.87 57.25 17.04
C VAL B 248 9.68 58.06 18.05
N VAL B 249 10.20 59.19 17.64
CA VAL B 249 11.12 59.87 18.51
C VAL B 249 10.73 61.33 18.68
N PRO B 250 11.12 61.93 19.76
CA PRO B 250 10.91 63.34 19.88
C PRO B 250 11.73 64.11 18.87
N SER B 251 11.18 65.17 18.33
CA SER B 251 11.85 65.94 17.33
C SER B 251 13.05 66.61 17.96
N GLY B 252 14.13 66.68 17.22
CA GLY B 252 15.39 67.11 17.74
C GLY B 252 16.30 66.07 18.35
N GLN B 253 15.79 64.89 18.60
CA GLN B 253 16.57 63.80 19.16
C GLN B 253 16.85 62.70 18.13
N GLU B 254 16.56 62.98 16.88
CA GLU B 254 16.67 61.96 15.86
C GLU B 254 18.07 61.34 15.81
N GLN B 255 19.07 62.17 15.98
CA GLN B 255 20.40 61.68 15.85
C GLN B 255 20.91 60.76 17.02
N ARG B 256 20.10 60.55 18.04
CA ARG B 256 20.39 59.56 19.07
C ARG B 256 20.16 58.11 18.60
N TYR B 257 19.39 57.98 17.55
CA TYR B 257 18.88 56.72 17.11
C TYR B 257 19.62 56.16 15.90
N THR B 258 20.05 54.91 15.99
CA THR B 258 20.75 54.27 14.94
C THR B 258 20.06 52.98 14.56
N CYS B 259 20.03 52.69 13.29
CA CYS B 259 19.48 51.44 12.83
C CYS B 259 20.59 50.56 12.38
N HIS B 260 20.50 49.30 12.77
CA HIS B 260 21.54 48.31 12.54
C HIS B 260 21.03 47.18 11.69
N VAL B 261 21.71 46.94 10.61
CA VAL B 261 21.33 45.91 9.66
C VAL B 261 22.37 44.81 9.55
N GLN B 262 21.90 43.59 9.72
CA GLN B 262 22.70 42.41 9.61
C GLN B 262 22.08 41.49 8.54
N HIS B 263 22.95 40.99 7.68
CA HIS B 263 22.58 40.14 6.60
C HIS B 263 23.83 39.47 6.03
N GLU B 264 23.65 38.31 5.43
CA GLU B 264 24.72 37.48 4.96
C GLU B 264 25.50 38.13 3.86
N GLY B 265 24.85 38.95 3.10
CA GLY B 265 25.46 39.67 2.04
C GLY B 265 26.25 40.90 2.44
N LEU B 266 26.32 41.15 3.71
CA LEU B 266 27.00 42.28 4.21
C LEU B 266 28.34 41.85 4.83
N PRO B 267 29.43 42.30 4.29
CA PRO B 267 30.75 42.18 4.86
C PRO B 267 30.72 42.54 6.31
N LYS B 268 30.24 43.72 6.61
CA LYS B 268 30.05 44.16 7.98
C LYS B 268 28.62 44.61 8.13
N PRO B 269 28.07 44.48 9.29
CA PRO B 269 26.79 45.10 9.55
C PRO B 269 26.79 46.58 9.30
N LEU B 270 25.61 47.08 8.93
CA LEU B 270 25.46 48.44 8.60
C LEU B 270 24.80 49.23 9.69
N THR B 271 25.23 50.46 9.84
CA THR B 271 24.58 51.39 10.70
C THR B 271 24.00 52.55 9.93
N LEU B 272 22.75 52.86 10.15
CA LEU B 272 22.17 54.04 9.58
C LEU B 272 21.70 55.04 10.64
N ARG B 273 21.80 56.30 10.29
CA ARG B 273 21.35 57.40 11.15
C ARG B 273 20.67 58.48 10.31
N TRP B 274 19.61 59.07 10.80
CA TRP B 274 19.02 60.21 10.12
C TRP B 274 19.83 61.45 10.25
N GLU B 275 20.07 62.06 9.14
CA GLU B 275 20.61 63.37 9.13
C GLU B 275 19.78 64.46 8.51
N ALA C 1 -12.41 25.51 16.52
CA ALA C 1 -11.09 25.49 15.92
C ALA C 1 -10.31 26.74 16.21
N ILE C 2 -9.03 26.69 15.92
CA ILE C 2 -8.15 27.82 15.87
C ILE C 2 -8.54 28.80 14.79
N GLN C 3 -8.68 30.05 15.11
CA GLN C 3 -8.95 31.04 14.12
C GLN C 3 -7.92 32.13 14.36
N ARG C 4 -7.15 32.46 13.33
CA ARG C 4 -6.15 33.49 13.39
C ARG C 4 -6.34 34.50 12.27
N THR C 5 -6.38 35.75 12.67
CA THR C 5 -6.67 36.84 11.76
C THR C 5 -5.40 37.22 10.97
N PRO C 6 -5.55 37.58 9.72
CA PRO C 6 -4.38 37.90 8.94
C PRO C 6 -3.69 39.20 9.31
N LYS C 7 -2.38 39.16 9.26
CA LYS C 7 -1.57 40.34 9.11
C LYS C 7 -1.63 40.78 7.65
N ILE C 8 -1.57 42.04 7.44
CA ILE C 8 -1.70 42.58 6.13
C ILE C 8 -0.67 43.66 5.87
N GLN C 9 0.05 43.53 4.76
CA GLN C 9 0.93 44.59 4.31
C GLN C 9 0.66 44.93 2.85
N VAL C 10 0.64 46.21 2.53
CA VAL C 10 0.46 46.67 1.19
C VAL C 10 1.61 47.50 0.79
N TYR C 11 2.19 47.22 -0.37
CA TYR C 11 3.46 47.82 -0.75
C TYR C 11 3.83 47.61 -2.22
N SER C 12 4.82 48.36 -2.68
CA SER C 12 5.29 48.18 -4.03
C SER C 12 6.52 47.28 -4.13
N ARG C 13 6.64 46.65 -5.29
CA ARG C 13 7.78 45.76 -5.59
C ARG C 13 9.07 46.55 -5.59
N HIS C 14 9.01 47.69 -6.23
CA HIS C 14 10.10 48.62 -6.36
C HIS C 14 9.72 49.95 -5.73
N PRO C 15 10.69 50.77 -5.40
CA PRO C 15 10.41 52.12 -4.91
C PRO C 15 9.43 52.90 -5.79
N ALA C 16 8.43 53.47 -5.21
CA ALA C 16 7.43 54.15 -5.99
C ALA C 16 8.02 55.39 -6.66
N GLU C 17 7.92 55.47 -7.96
CA GLU C 17 8.25 56.72 -8.63
C GLU C 17 7.08 57.09 -9.54
N ASN C 18 6.41 58.15 -9.15
CA ASN C 18 5.24 58.62 -9.87
C ASN C 18 5.45 58.57 -11.34
N GLY C 19 4.52 57.93 -11.97
CA GLY C 19 4.55 57.75 -13.39
C GLY C 19 5.30 56.61 -13.97
N LYS C 20 6.00 55.84 -13.16
CA LYS C 20 6.72 54.68 -13.64
C LYS C 20 6.08 53.38 -13.24
N SER C 21 5.95 52.46 -14.16
CA SER C 21 5.34 51.18 -13.87
C SER C 21 5.99 50.46 -12.71
N ASN C 22 5.21 49.68 -12.00
CA ASN C 22 5.63 49.01 -10.77
C ASN C 22 4.69 47.80 -10.53
N PHE C 23 4.84 47.14 -9.41
CA PHE C 23 3.89 46.14 -8.97
C PHE C 23 3.38 46.45 -7.58
N LEU C 24 2.08 46.33 -7.40
CA LEU C 24 1.44 46.53 -6.15
C LEU C 24 1.15 45.18 -5.52
N ASN C 25 1.59 45.06 -4.29
CA ASN C 25 1.57 43.87 -3.51
C ASN C 25 0.68 44.01 -2.30
N CYS C 26 -0.05 42.96 -2.00
CA CYS C 26 -0.68 42.78 -0.72
C CYS C 26 -0.33 41.41 -0.20
N TYR C 27 0.40 41.40 0.90
CA TYR C 27 0.87 40.23 1.57
C TYR C 27 0.04 40.00 2.81
N VAL C 28 -0.62 38.86 2.83
CA VAL C 28 -1.35 38.41 3.97
C VAL C 28 -0.69 37.16 4.58
N SER C 29 -0.63 37.15 5.89
CA SER C 29 0.11 36.17 6.58
C SER C 29 -0.45 35.94 7.96
N GLY C 30 -0.07 34.82 8.52
CA GLY C 30 -0.44 34.50 9.85
C GLY C 30 -1.89 34.18 10.08
N PHE C 31 -2.58 33.75 9.05
CA PHE C 31 -3.98 33.51 9.15
C PHE C 31 -4.35 32.01 9.13
N HIS C 32 -5.49 31.73 9.75
CA HIS C 32 -6.11 30.40 9.76
C HIS C 32 -7.59 30.55 10.06
N PRO C 33 -8.44 29.87 9.32
CA PRO C 33 -8.17 29.01 8.19
C PRO C 33 -7.71 29.70 6.89
N SER C 34 -7.49 28.89 5.86
CA SER C 34 -6.84 29.36 4.64
C SER C 34 -7.75 30.16 3.70
N ASP C 35 -9.05 30.03 3.85
CA ASP C 35 -9.94 30.75 3.01
C ASP C 35 -9.87 32.24 3.29
N ILE C 36 -9.64 32.99 2.25
CA ILE C 36 -9.45 34.38 2.38
C ILE C 36 -9.69 35.03 1.02
N GLU C 37 -10.18 36.24 1.05
CA GLU C 37 -10.41 37.05 -0.12
C GLU C 37 -9.55 38.30 -0.01
N VAL C 38 -8.77 38.55 -1.03
CA VAL C 38 -7.93 39.68 -1.08
C VAL C 38 -8.08 40.45 -2.41
N ASP C 39 -8.47 41.69 -2.31
CA ASP C 39 -8.60 42.49 -3.45
C ASP C 39 -7.68 43.69 -3.37
N LEU C 40 -7.13 44.04 -4.50
CA LEU C 40 -6.40 45.25 -4.63
C LEU C 40 -7.34 46.28 -5.21
N LEU C 41 -7.29 47.47 -4.65
CA LEU C 41 -8.16 48.55 -4.99
C LEU C 41 -7.39 49.72 -5.63
N LYS C 42 -7.97 50.28 -6.68
CA LYS C 42 -7.56 51.54 -7.21
C LYS C 42 -8.68 52.55 -7.10
N ASN C 43 -8.40 53.62 -6.37
CA ASN C 43 -9.41 54.60 -6.05
C ASN C 43 -10.74 53.98 -5.65
N GLY C 44 -10.65 53.00 -4.79
CA GLY C 44 -11.78 52.38 -4.18
C GLY C 44 -12.33 51.18 -4.88
N GLU C 45 -11.87 50.89 -6.06
CA GLU C 45 -12.45 49.84 -6.84
C GLU C 45 -11.51 48.69 -7.06
N ARG C 46 -12.08 47.51 -7.09
CA ARG C 46 -11.34 46.32 -7.35
C ARG C 46 -10.69 46.27 -8.71
N ILE C 47 -9.40 46.13 -8.68
CA ILE C 47 -8.61 45.92 -9.84
C ILE C 47 -8.84 44.50 -10.37
N GLU C 48 -9.03 44.38 -11.67
CA GLU C 48 -9.44 43.10 -12.16
C GLU C 48 -8.33 42.13 -12.37
N LYS C 49 -7.21 42.55 -12.90
CA LYS C 49 -6.26 41.54 -13.20
C LYS C 49 -5.37 41.39 -11.98
N VAL C 50 -5.68 40.46 -11.09
CA VAL C 50 -4.84 40.25 -9.92
C VAL C 50 -4.42 38.81 -9.70
N GLU C 51 -3.14 38.60 -9.50
CA GLU C 51 -2.63 37.29 -9.32
C GLU C 51 -2.15 36.99 -7.90
N HIS C 52 -1.99 35.73 -7.58
CA HIS C 52 -1.47 35.44 -6.29
C HIS C 52 -0.60 34.20 -6.24
N SER C 53 0.19 34.15 -5.21
CA SER C 53 1.07 33.04 -4.98
C SER C 53 0.36 31.76 -4.65
N ASP C 54 1.10 30.68 -4.68
CA ASP C 54 0.56 29.44 -4.24
C ASP C 54 0.55 29.34 -2.71
N LEU C 55 -0.56 28.88 -2.16
CA LEU C 55 -0.75 28.76 -0.76
C LEU C 55 0.35 27.97 -0.10
N SER C 56 0.90 28.57 0.92
CA SER C 56 1.91 27.99 1.70
C SER C 56 1.73 28.42 3.16
N PHE C 57 2.59 27.90 4.02
CA PHE C 57 2.48 28.24 5.40
C PHE C 57 3.82 28.28 6.13
N SER C 58 3.78 28.89 7.30
CA SER C 58 4.92 29.09 8.12
C SER C 58 5.10 27.98 9.18
N LYS C 59 6.17 28.10 9.93
CA LYS C 59 6.55 27.10 10.92
C LYS C 59 5.44 26.88 11.90
N ASP C 60 4.77 27.93 12.29
CA ASP C 60 3.64 27.81 13.18
C ASP C 60 2.33 27.36 12.55
N TRP C 61 2.39 27.03 11.27
CA TRP C 61 1.30 26.50 10.46
C TRP C 61 0.33 27.56 9.88
N SER C 62 0.52 28.80 10.25
CA SER C 62 -0.31 29.84 9.72
C SER C 62 0.05 30.11 8.27
N PHE C 63 -0.95 30.50 7.50
CA PHE C 63 -0.82 30.63 6.11
C PHE C 63 -0.35 32.00 5.65
N TYR C 64 0.23 32.02 4.45
CA TYR C 64 0.53 33.27 3.78
C TYR C 64 0.34 33.25 2.24
N LEU C 65 0.03 34.43 1.73
CA LEU C 65 -0.21 34.64 0.35
C LEU C 65 0.23 36.01 -0.07
N LEU C 66 0.75 36.07 -1.28
CA LEU C 66 1.01 37.32 -1.93
C LEU C 66 0.09 37.56 -3.11
N TYR C 67 -0.63 38.66 -3.06
CA TYR C 67 -1.44 39.12 -4.14
C TYR C 67 -0.73 40.28 -4.85
N TYR C 68 -0.81 40.34 -6.15
CA TYR C 68 -0.05 41.33 -6.86
C TYR C 68 -0.63 41.69 -8.22
N THR C 69 -0.34 42.90 -8.62
CA THR C 69 -0.75 43.42 -9.90
C THR C 69 0.15 44.60 -10.36
N GLU C 70 0.29 44.76 -11.67
CA GLU C 70 0.90 45.94 -12.23
C GLU C 70 0.17 47.21 -11.86
N PHE C 71 0.92 48.26 -11.59
CA PHE C 71 0.32 49.52 -11.32
C PHE C 71 1.32 50.62 -11.60
N THR C 72 0.80 51.84 -11.73
CA THR C 72 1.62 53.02 -11.92
C THR C 72 1.25 54.02 -10.86
N PRO C 73 2.13 54.20 -9.91
CA PRO C 73 1.72 55.13 -8.89
C PRO C 73 1.73 56.57 -9.41
N THR C 74 0.83 57.39 -8.91
CA THR C 74 0.80 58.80 -9.19
C THR C 74 0.70 59.62 -7.97
N GLU C 75 0.58 60.91 -8.16
CA GLU C 75 0.42 61.69 -6.98
C GLU C 75 -0.98 61.60 -6.53
N LYS C 76 -1.88 61.44 -7.47
CA LYS C 76 -3.27 61.50 -7.20
C LYS C 76 -3.96 60.18 -6.80
N ASP C 77 -3.57 59.11 -7.47
CA ASP C 77 -4.25 57.86 -7.34
C ASP C 77 -4.01 57.20 -6.01
N GLU C 78 -5.07 56.62 -5.48
CA GLU C 78 -5.04 55.94 -4.23
C GLU C 78 -5.19 54.46 -4.43
N TYR C 79 -4.37 53.73 -3.70
CA TYR C 79 -4.37 52.28 -3.77
C TYR C 79 -4.53 51.65 -2.39
N ALA C 80 -5.06 50.45 -2.37
CA ALA C 80 -5.32 49.80 -1.13
C ALA C 80 -5.49 48.30 -1.33
N CYS C 81 -5.40 47.58 -0.23
CA CYS C 81 -5.70 46.16 -0.17
C CYS C 81 -6.94 45.98 0.71
N ARG C 82 -7.87 45.15 0.28
CA ARG C 82 -9.06 44.82 1.05
C ARG C 82 -9.13 43.31 1.29
N VAL C 83 -9.26 42.96 2.55
CA VAL C 83 -9.14 41.60 2.98
C VAL C 83 -10.41 41.14 3.71
N ASN C 84 -10.90 39.99 3.29
CA ASN C 84 -12.02 39.34 3.93
C ASN C 84 -11.63 37.96 4.39
N HIS C 85 -11.96 37.72 5.63
CA HIS C 85 -11.60 36.52 6.36
C HIS C 85 -12.67 36.23 7.40
N VAL C 86 -12.75 34.97 7.83
CA VAL C 86 -13.80 34.60 8.78
C VAL C 86 -13.72 35.43 10.07
N THR C 87 -12.50 35.76 10.44
CA THR C 87 -12.20 36.50 11.64
C THR C 87 -12.53 37.99 11.60
N LEU C 88 -12.92 38.48 10.44
CA LEU C 88 -13.22 39.90 10.23
C LEU C 88 -14.72 40.18 10.06
N SER C 89 -15.30 40.97 10.93
CA SER C 89 -16.70 41.30 10.80
C SER C 89 -17.05 41.97 9.51
N GLN C 90 -16.19 42.86 9.11
CA GLN C 90 -16.27 43.53 7.84
C GLN C 90 -14.89 43.50 7.22
N PRO C 91 -14.81 43.62 5.92
CA PRO C 91 -13.54 43.63 5.26
C PRO C 91 -12.60 44.68 5.87
N LYS C 92 -11.32 44.35 5.88
CA LYS C 92 -10.32 45.24 6.33
C LYS C 92 -9.59 45.89 5.17
N ILE C 93 -9.52 47.20 5.18
CA ILE C 93 -8.86 47.91 4.15
C ILE C 93 -7.58 48.53 4.68
N VAL C 94 -6.49 48.26 3.99
CA VAL C 94 -5.25 48.85 4.32
C VAL C 94 -4.78 49.68 3.12
N LYS C 95 -4.67 50.96 3.35
CA LYS C 95 -4.27 51.90 2.36
C LYS C 95 -2.77 51.83 2.07
N TRP C 96 -2.39 51.96 0.82
CA TRP C 96 -1.01 52.03 0.46
C TRP C 96 -0.42 53.39 0.76
N ASP C 97 0.66 53.39 1.47
CA ASP C 97 1.42 54.57 1.77
C ASP C 97 2.78 54.34 1.17
N ARG C 98 3.21 55.15 0.25
CA ARG C 98 4.43 54.80 -0.46
C ARG C 98 5.68 54.63 0.44
N ASP C 99 5.64 55.16 1.65
CA ASP C 99 6.67 54.84 2.59
C ASP C 99 6.28 53.82 3.65
N MET C 100 5.54 52.79 3.25
CA MET C 100 5.30 51.64 4.09
C MET C 100 5.33 50.27 3.33
N ASN D 3 4.21 -4.38 -11.94
CA ASN D 3 4.28 -5.81 -12.16
C ASN D 3 5.32 -6.40 -11.20
N VAL D 4 4.94 -7.50 -10.61
CA VAL D 4 5.74 -8.31 -9.78
C VAL D 4 5.74 -9.71 -10.34
N GLU D 5 6.90 -10.21 -10.66
CA GLU D 5 7.02 -11.47 -11.30
C GLU D 5 7.70 -12.50 -10.42
N GLN D 6 7.03 -13.60 -10.34
CA GLN D 6 7.44 -14.69 -9.56
C GLN D 6 7.50 -15.94 -10.44
N HIS D 7 8.70 -16.41 -10.62
CA HIS D 7 8.97 -17.65 -11.27
C HIS D 7 10.02 -18.42 -10.43
N PRO D 8 9.98 -19.75 -10.47
CA PRO D 8 9.13 -20.62 -11.23
C PRO D 8 7.78 -20.82 -10.60
N SER D 9 6.81 -21.34 -11.31
CA SER D 9 5.52 -21.63 -10.81
C SER D 9 5.58 -22.76 -9.77
N THR D 10 6.57 -23.65 -9.96
CA THR D 10 6.72 -24.86 -9.18
C THR D 10 8.21 -25.13 -8.90
N LEU D 11 8.45 -25.73 -7.75
CA LEU D 11 9.75 -26.07 -7.29
C LEU D 11 9.70 -27.28 -6.35
N SER D 12 10.57 -28.23 -6.63
CA SER D 12 10.75 -29.38 -5.79
C SER D 12 12.19 -29.39 -5.23
N VAL D 13 12.25 -29.70 -3.97
CA VAL D 13 13.46 -29.71 -3.24
C VAL D 13 13.43 -30.93 -2.29
N GLN D 14 14.59 -31.50 -2.04
CA GLN D 14 14.66 -32.60 -1.11
C GLN D 14 14.66 -32.16 0.33
N GLU D 15 14.04 -32.97 1.15
CA GLU D 15 13.95 -32.71 2.54
C GLU D 15 15.35 -32.51 3.10
N GLY D 16 15.50 -31.39 3.80
CA GLY D 16 16.77 -31.02 4.35
C GLY D 16 17.63 -30.07 3.54
N ASP D 17 17.36 -30.02 2.25
CA ASP D 17 18.02 -29.08 1.41
C ASP D 17 17.29 -27.72 1.55
N SER D 18 17.89 -26.74 0.90
CA SER D 18 17.41 -25.39 0.83
C SER D 18 16.55 -25.14 -0.39
N ALA D 19 15.57 -24.26 -0.23
CA ALA D 19 14.74 -23.75 -1.32
C ALA D 19 14.89 -22.26 -1.46
N VAL D 20 15.00 -21.80 -2.68
CA VAL D 20 15.06 -20.42 -2.94
C VAL D 20 14.02 -20.01 -3.95
N ILE D 21 13.25 -18.99 -3.62
CA ILE D 21 12.22 -18.45 -4.50
C ILE D 21 12.51 -16.96 -4.73
N LYS D 22 12.58 -16.57 -5.98
CA LYS D 22 12.90 -15.22 -6.40
C LYS D 22 11.75 -14.46 -7.04
N CYS D 23 11.65 -13.19 -6.68
CA CYS D 23 10.72 -12.28 -7.30
C CYS D 23 11.45 -11.06 -7.85
N THR D 24 10.95 -10.59 -8.98
CA THR D 24 11.40 -9.39 -9.59
C THR D 24 10.24 -8.39 -9.57
N TYR D 25 10.58 -7.11 -9.52
CA TYR D 25 9.58 -6.08 -9.56
C TYR D 25 10.03 -4.90 -10.46
N SER D 26 9.06 -4.08 -10.84
CA SER D 26 9.26 -3.03 -11.81
C SER D 26 9.57 -1.61 -11.33
N ASP D 27 9.07 -1.27 -10.18
CA ASP D 27 9.11 0.06 -9.68
C ASP D 27 10.16 0.26 -8.64
N SER D 28 11.08 1.13 -8.92
CA SER D 28 12.23 1.26 -8.08
C SER D 28 11.89 1.86 -6.72
N ALA D 29 10.72 2.45 -6.62
CA ALA D 29 10.26 3.05 -5.38
C ALA D 29 9.66 2.04 -4.39
N SER D 30 9.54 0.84 -4.83
CA SER D 30 8.95 -0.17 -3.99
C SER D 30 9.77 -0.29 -2.69
N ASN D 31 9.08 -0.41 -1.58
CA ASN D 31 9.75 -0.30 -0.30
C ASN D 31 9.33 -1.30 0.78
N TYR D 32 8.51 -2.26 0.39
CA TYR D 32 8.08 -3.27 1.30
C TYR D 32 7.85 -4.53 0.50
N PHE D 33 8.36 -5.63 1.05
CA PHE D 33 8.39 -6.87 0.37
C PHE D 33 8.08 -8.09 1.27
N PRO D 34 6.79 -8.40 1.44
CA PRO D 34 6.39 -9.54 2.24
C PRO D 34 6.25 -10.84 1.49
N TRP D 35 6.36 -11.93 2.24
CA TRP D 35 6.11 -13.26 1.72
C TRP D 35 4.97 -13.93 2.49
N TYR D 36 4.06 -14.49 1.72
CA TYR D 36 2.93 -15.19 2.21
C TYR D 36 3.00 -16.69 1.90
N LYS D 37 2.68 -17.50 2.90
CA LYS D 37 2.59 -18.92 2.77
C LYS D 37 1.15 -19.40 2.77
N GLN D 38 0.81 -20.22 1.79
CA GLN D 38 -0.51 -20.78 1.72
C GLN D 38 -0.49 -22.30 1.67
N GLU D 39 -0.81 -22.92 2.76
CA GLU D 39 -0.93 -24.35 2.77
C GLU D 39 -2.19 -24.76 1.98
N LEU D 40 -2.15 -25.96 1.48
CA LEU D 40 -3.18 -26.47 0.65
C LEU D 40 -4.55 -26.34 1.34
N GLY D 41 -5.46 -25.63 0.76
CA GLY D 41 -6.75 -25.51 1.35
C GLY D 41 -6.88 -24.45 2.38
N LYS D 42 -5.80 -23.74 2.61
CA LYS D 42 -5.81 -22.81 3.69
C LYS D 42 -5.60 -21.39 3.12
N ARG D 43 -5.63 -20.42 4.00
CA ARG D 43 -5.49 -19.05 3.61
C ARG D 43 -4.03 -18.64 3.59
N PRO D 44 -3.71 -17.62 2.85
CA PRO D 44 -2.38 -17.09 2.89
C PRO D 44 -2.06 -16.49 4.26
N GLN D 45 -0.84 -16.67 4.68
CA GLN D 45 -0.38 -16.12 5.92
C GLN D 45 1.03 -15.53 5.80
N LEU D 46 1.21 -14.36 6.33
CA LEU D 46 2.50 -13.76 6.28
C LEU D 46 3.51 -14.56 7.12
N ILE D 47 4.64 -14.86 6.51
CA ILE D 47 5.69 -15.54 7.22
C ILE D 47 6.95 -14.71 7.45
N ILE D 48 7.24 -13.78 6.56
CA ILE D 48 8.35 -12.91 6.74
C ILE D 48 8.28 -11.76 5.75
N ASP D 49 8.91 -10.66 6.12
CA ASP D 49 8.98 -9.50 5.27
C ASP D 49 10.25 -8.69 5.45
N ILE D 50 10.45 -7.76 4.53
CA ILE D 50 11.59 -6.90 4.53
C ILE D 50 11.24 -5.51 3.95
N ARG D 51 11.90 -4.51 4.45
CA ARG D 51 11.75 -3.18 3.93
C ARG D 51 13.03 -2.71 3.23
N SER D 52 12.90 -1.70 2.40
CA SER D 52 13.97 -1.38 1.50
C SER D 52 15.20 -0.82 2.17
N ASN D 53 15.14 -0.50 3.43
CA ASN D 53 16.32 -0.02 4.12
C ASN D 53 17.24 -1.12 4.64
N VAL D 54 16.93 -2.35 4.29
CA VAL D 54 17.58 -3.49 4.77
C VAL D 54 17.83 -4.48 3.64
N GLY D 55 18.98 -5.14 3.60
CA GLY D 55 19.30 -6.07 2.52
C GLY D 55 19.02 -7.52 2.79
N GLU D 56 19.03 -7.85 4.06
CA GLU D 56 18.67 -9.21 4.45
C GLU D 56 18.04 -9.22 5.80
N LYS D 57 17.00 -10.00 5.93
CA LYS D 57 16.37 -10.24 7.19
C LYS D 57 16.11 -11.73 7.37
N LYS D 58 16.39 -12.22 8.54
CA LYS D 58 16.23 -13.60 8.82
C LYS D 58 15.29 -13.91 9.98
N ASP D 59 14.83 -15.14 10.03
CA ASP D 59 14.01 -15.65 11.11
C ASP D 59 14.36 -17.12 11.24
N GLN D 60 15.46 -17.39 11.88
CA GLN D 60 15.94 -18.74 12.03
C GLN D 60 16.17 -19.40 10.68
N ARG D 61 15.40 -20.41 10.33
CA ARG D 61 15.60 -21.11 9.07
C ARG D 61 15.28 -20.35 7.80
N ILE D 62 14.48 -19.32 7.90
CA ILE D 62 14.11 -18.64 6.75
C ILE D 62 14.66 -17.22 6.70
N ALA D 63 14.84 -16.72 5.52
CA ALA D 63 15.35 -15.40 5.31
C ALA D 63 14.88 -14.78 4.00
N VAL D 64 14.96 -13.48 3.96
CA VAL D 64 14.70 -12.75 2.74
C VAL D 64 15.84 -11.85 2.47
N THR D 65 16.26 -11.85 1.22
CA THR D 65 17.31 -11.02 0.70
C THR D 65 16.77 -10.12 -0.41
N LEU D 66 17.19 -8.87 -0.38
CA LEU D 66 16.70 -7.84 -1.26
C LEU D 66 17.82 -7.08 -2.00
N ASN D 67 17.69 -6.95 -3.31
CA ASN D 67 18.53 -6.02 -4.05
C ASN D 67 17.65 -4.96 -4.69
N LYS D 68 17.60 -3.79 -4.07
CA LYS D 68 16.66 -2.79 -4.48
C LYS D 68 17.14 -2.05 -5.69
N THR D 69 18.41 -2.19 -5.99
CA THR D 69 18.94 -1.61 -7.18
C THR D 69 18.62 -2.42 -8.39
N ALA D 70 18.82 -3.70 -8.30
CA ALA D 70 18.52 -4.60 -9.37
C ALA D 70 17.03 -5.00 -9.44
N LYS D 71 16.32 -4.65 -8.39
CA LYS D 71 14.92 -4.86 -8.26
C LYS D 71 14.52 -6.34 -8.29
N HIS D 72 15.18 -7.07 -7.40
CA HIS D 72 14.73 -8.41 -7.10
C HIS D 72 14.99 -8.81 -5.65
N PHE D 73 14.18 -9.74 -5.20
CA PHE D 73 14.33 -10.27 -3.89
C PHE D 73 13.89 -11.75 -3.82
N SER D 74 14.40 -12.41 -2.80
CA SER D 74 14.25 -13.84 -2.68
C SER D 74 13.94 -14.34 -1.28
N LEU D 75 13.12 -15.36 -1.23
CA LEU D 75 12.88 -16.13 -0.05
C LEU D 75 13.85 -17.29 0.00
N HIS D 76 14.52 -17.44 1.13
CA HIS D 76 15.32 -18.57 1.44
C HIS D 76 14.75 -19.43 2.58
N ILE D 77 14.59 -20.70 2.29
CA ILE D 77 14.21 -21.64 3.30
C ILE D 77 15.33 -22.67 3.47
N THR D 78 15.96 -22.66 4.61
CA THR D 78 16.97 -23.64 4.85
C THR D 78 16.44 -24.83 5.60
N GLU D 79 17.14 -25.93 5.42
CA GLU D 79 16.77 -27.19 6.00
C GLU D 79 15.29 -27.48 5.93
N THR D 80 14.79 -27.60 4.72
CA THR D 80 13.38 -27.75 4.55
C THR D 80 12.79 -28.95 5.30
N GLN D 81 11.58 -28.73 5.78
CA GLN D 81 10.77 -29.71 6.47
C GLN D 81 9.54 -29.99 5.62
N PRO D 82 8.89 -31.13 5.82
CA PRO D 82 7.71 -31.41 5.01
C PRO D 82 6.62 -30.32 5.12
N GLU D 83 6.53 -29.70 6.28
CA GLU D 83 5.52 -28.72 6.47
C GLU D 83 5.79 -27.41 5.71
N ASP D 84 6.99 -27.28 5.14
CA ASP D 84 7.29 -26.15 4.25
C ASP D 84 6.58 -26.27 2.89
N SER D 85 6.04 -27.43 2.60
CA SER D 85 5.28 -27.59 1.39
C SER D 85 4.01 -26.71 1.37
N ALA D 86 3.98 -25.84 0.38
CA ALA D 86 2.96 -24.84 0.23
C ALA D 86 3.15 -23.98 -0.98
N VAL D 87 2.17 -23.16 -1.26
CA VAL D 87 2.32 -22.10 -2.23
C VAL D 87 2.84 -20.84 -1.51
N TYR D 88 3.85 -20.23 -2.07
CA TYR D 88 4.42 -19.03 -1.56
C TYR D 88 4.19 -17.85 -2.52
N PHE D 89 3.69 -16.75 -1.99
CA PHE D 89 3.45 -15.54 -2.73
C PHE D 89 4.32 -14.44 -2.22
N CYS D 90 4.99 -13.77 -3.12
CA CYS D 90 5.64 -12.54 -2.78
C CYS D 90 4.80 -11.34 -3.15
N ALA D 91 5.13 -10.22 -2.57
CA ALA D 91 4.52 -8.98 -2.94
C ALA D 91 5.53 -7.85 -2.91
N ALA D 92 5.24 -6.81 -3.65
CA ALA D 92 5.96 -5.57 -3.51
C ALA D 92 4.99 -4.42 -3.35
N SER D 93 5.32 -3.48 -2.46
CA SER D 93 4.48 -2.34 -2.25
C SER D 93 5.00 -1.13 -2.96
N PHE D 94 4.14 -0.52 -3.72
CA PHE D 94 4.45 0.70 -4.44
C PHE D 94 3.19 1.44 -4.83
N ILE D 95 3.36 2.62 -5.36
CA ILE D 95 2.22 3.45 -5.65
C ILE D 95 1.62 3.14 -6.99
N ILE D 96 0.37 2.76 -6.93
CA ILE D 96 -0.42 2.42 -8.08
C ILE D 96 -1.76 3.03 -7.97
N GLN D 97 -2.14 3.78 -8.97
CA GLN D 97 -3.45 4.39 -8.99
C GLN D 97 -3.75 5.25 -7.75
N GLY D 98 -2.75 5.98 -7.30
CA GLY D 98 -2.92 6.84 -6.17
C GLY D 98 -2.85 6.29 -4.78
N ALA D 99 -2.55 5.01 -4.69
CA ALA D 99 -2.44 4.38 -3.41
C ALA D 99 -1.21 3.51 -3.25
N GLN D 100 -0.76 3.38 -2.01
CA GLN D 100 0.32 2.49 -1.69
C GLN D 100 -0.32 1.12 -1.62
N LYS D 101 0.16 0.24 -2.48
CA LYS D 101 -0.47 -1.01 -2.67
C LYS D 101 0.49 -2.21 -2.71
N LEU D 102 0.10 -3.27 -2.03
CA LEU D 102 0.71 -4.55 -2.18
C LEU D 102 0.25 -5.21 -3.47
N VAL D 103 1.22 -5.48 -4.30
CA VAL D 103 0.99 -6.21 -5.50
C VAL D 103 1.66 -7.58 -5.45
N PHE D 104 0.85 -8.60 -5.58
CA PHE D 104 1.28 -9.94 -5.39
C PHE D 104 1.81 -10.59 -6.68
N GLY D 105 2.84 -11.39 -6.53
CA GLY D 105 3.27 -12.25 -7.57
C GLY D 105 2.36 -13.45 -7.81
N GLN D 106 2.74 -14.26 -8.77
CA GLN D 106 1.86 -15.30 -9.23
C GLN D 106 1.86 -16.52 -8.37
N GLY D 107 2.82 -16.62 -7.50
CA GLY D 107 2.94 -17.77 -6.64
C GLY D 107 3.87 -18.84 -7.10
N THR D 108 4.47 -19.50 -6.14
CA THR D 108 5.31 -20.62 -6.39
C THR D 108 4.89 -21.80 -5.51
N ARG D 109 4.62 -22.93 -6.14
CA ARG D 109 4.27 -24.11 -5.38
C ARG D 109 5.51 -24.90 -5.02
N LEU D 110 5.85 -24.91 -3.75
CA LEU D 110 6.98 -25.64 -3.30
C LEU D 110 6.57 -26.99 -2.75
N THR D 111 7.31 -27.99 -3.19
CA THR D 111 7.15 -29.35 -2.76
C THR D 111 8.44 -29.86 -2.14
N ILE D 112 8.32 -30.35 -0.92
CA ILE D 112 9.41 -30.95 -0.19
C ILE D 112 9.33 -32.44 -0.27
N ASN D 113 10.21 -33.03 -1.01
CA ASN D 113 10.15 -34.46 -1.24
C ASN D 113 10.95 -35.22 -0.22
N PRO D 114 10.54 -36.43 0.07
CA PRO D 114 11.21 -37.24 1.06
C PRO D 114 12.47 -37.83 0.51
N ASN D 115 13.42 -38.08 1.40
CA ASN D 115 14.57 -38.82 1.03
C ASN D 115 14.33 -40.30 1.30
N ILE D 116 14.08 -41.03 0.25
CA ILE D 116 13.67 -42.39 0.36
C ILE D 116 14.84 -43.28 0.67
N GLN D 117 14.73 -43.83 1.84
CA GLN D 117 15.73 -44.65 2.44
C GLN D 117 16.08 -45.97 1.67
N ASN D 118 15.11 -46.84 1.52
CA ASN D 118 15.34 -48.05 0.83
C ASN D 118 14.33 -48.21 -0.23
N PRO D 119 14.55 -47.59 -1.37
CA PRO D 119 13.55 -47.60 -2.40
C PRO D 119 13.18 -49.01 -2.78
N ASP D 120 11.91 -49.23 -3.06
CA ASP D 120 11.40 -50.55 -3.39
C ASP D 120 10.26 -50.42 -4.38
N PRO D 121 10.58 -49.86 -5.52
CA PRO D 121 9.61 -49.53 -6.52
C PRO D 121 8.79 -50.74 -6.90
N ALA D 122 7.52 -50.52 -7.04
CA ALA D 122 6.55 -51.53 -7.31
C ALA D 122 5.26 -51.00 -7.93
N VAL D 123 4.66 -51.81 -8.77
CA VAL D 123 3.34 -51.51 -9.25
C VAL D 123 2.39 -52.63 -8.83
N TYR D 124 1.32 -52.23 -8.19
CA TYR D 124 0.32 -53.14 -7.73
C TYR D 124 -1.06 -52.83 -8.33
N GLN D 125 -1.85 -53.85 -8.43
CA GLN D 125 -3.22 -53.72 -8.84
C GLN D 125 -4.16 -54.01 -7.68
N LEU D 126 -5.09 -53.11 -7.45
CA LEU D 126 -5.96 -53.18 -6.33
C LEU D 126 -7.41 -53.32 -6.76
N ARG D 127 -8.12 -54.24 -6.14
CA ARG D 127 -9.52 -54.48 -6.46
C ARG D 127 -10.52 -53.76 -5.57
N ASP D 128 -11.61 -53.33 -6.15
CA ASP D 128 -12.71 -52.70 -5.44
C ASP D 128 -13.26 -53.63 -4.38
N SER D 129 -13.55 -53.10 -3.20
CA SER D 129 -14.14 -53.86 -2.15
C SER D 129 -15.50 -54.39 -2.60
N LYS D 130 -16.18 -53.67 -3.46
CA LYS D 130 -17.50 -53.99 -3.92
C LYS D 130 -17.67 -54.70 -5.22
N SER D 131 -16.89 -54.35 -6.18
CA SER D 131 -17.26 -54.79 -7.49
C SER D 131 -16.33 -55.86 -7.80
N SER D 132 -16.62 -56.62 -8.83
CA SER D 132 -15.67 -57.56 -9.34
C SER D 132 -14.86 -56.89 -10.43
N ASP D 133 -15.49 -55.95 -11.10
CA ASP D 133 -14.84 -55.50 -12.28
C ASP D 133 -13.97 -54.28 -12.18
N LYS D 134 -13.76 -53.74 -11.01
CA LYS D 134 -13.11 -52.47 -10.94
C LYS D 134 -11.83 -52.61 -10.21
N SER D 135 -10.79 -51.99 -10.74
CA SER D 135 -9.53 -51.90 -10.06
C SER D 135 -8.86 -50.55 -10.30
N VAL D 136 -7.83 -50.30 -9.50
CA VAL D 136 -6.87 -49.30 -9.81
C VAL D 136 -5.40 -49.85 -9.77
N CYS D 137 -4.49 -49.08 -10.31
CA CYS D 137 -3.09 -49.34 -10.28
C CYS D 137 -2.37 -48.36 -9.30
N LEU D 138 -1.42 -48.91 -8.58
CA LEU D 138 -0.62 -48.21 -7.61
C LEU D 138 0.88 -48.38 -7.87
N PHE D 139 1.54 -47.29 -8.21
CA PHE D 139 2.97 -47.21 -8.32
C PHE D 139 3.46 -46.60 -7.01
N THR D 140 4.33 -47.31 -6.32
CA THR D 140 4.70 -46.92 -4.98
C THR D 140 6.12 -47.30 -4.61
N ASP D 141 6.60 -46.62 -3.60
CA ASP D 141 7.87 -46.92 -2.97
C ASP D 141 9.09 -46.61 -3.86
N PHE D 142 8.89 -45.73 -4.80
CA PHE D 142 9.93 -45.25 -5.64
C PHE D 142 10.67 -44.03 -5.05
N ASP D 143 11.88 -43.80 -5.53
CA ASP D 143 12.66 -42.72 -5.01
C ASP D 143 12.13 -41.43 -5.52
N SER D 144 12.50 -40.35 -4.88
CA SER D 144 11.77 -39.15 -5.10
C SER D 144 12.18 -38.45 -6.36
N GLN D 145 13.23 -38.89 -7.01
CA GLN D 145 13.60 -38.27 -8.24
C GLN D 145 12.80 -38.76 -9.41
N THR D 146 11.93 -39.72 -9.17
CA THR D 146 11.15 -40.33 -10.18
C THR D 146 10.04 -39.44 -10.58
N ASN D 147 9.95 -39.15 -11.86
CA ASN D 147 8.85 -38.42 -12.40
C ASN D 147 7.68 -39.32 -12.90
N VAL D 148 6.47 -38.89 -12.69
CA VAL D 148 5.34 -39.60 -13.18
C VAL D 148 4.60 -38.77 -14.24
N SER D 149 4.56 -39.29 -15.45
CA SER D 149 3.88 -38.66 -16.56
C SER D 149 2.40 -38.70 -16.37
N GLN D 150 1.69 -37.77 -16.96
CA GLN D 150 0.29 -37.93 -17.01
C GLN D 150 -0.07 -38.63 -18.31
N SER D 151 -1.28 -39.13 -18.40
CA SER D 151 -1.62 -39.93 -19.51
C SER D 151 -1.87 -39.09 -20.74
N LYS D 152 -1.47 -39.60 -21.87
CA LYS D 152 -1.87 -39.03 -23.11
C LYS D 152 -2.99 -39.86 -23.73
N ASP D 153 -3.63 -40.68 -22.93
CA ASP D 153 -4.72 -41.47 -23.40
C ASP D 153 -6.01 -41.00 -22.83
N SER D 154 -7.01 -40.90 -23.68
CA SER D 154 -8.30 -40.34 -23.33
C SER D 154 -8.85 -41.00 -22.15
N ASP D 155 -8.66 -42.27 -22.10
CA ASP D 155 -9.38 -42.93 -21.13
C ASP D 155 -8.58 -43.48 -19.91
N VAL D 156 -7.34 -43.06 -19.82
CA VAL D 156 -6.48 -43.39 -18.72
C VAL D 156 -6.21 -42.16 -17.79
N TYR D 157 -6.39 -42.33 -16.52
CA TYR D 157 -6.15 -41.30 -15.60
C TYR D 157 -4.94 -41.68 -14.72
N ILE D 158 -4.02 -40.76 -14.60
CA ILE D 158 -2.88 -40.91 -13.72
C ILE D 158 -2.74 -39.70 -12.81
N THR D 159 -2.64 -39.95 -11.52
CA THR D 159 -2.52 -38.88 -10.55
C THR D 159 -1.06 -38.40 -10.43
N ASP D 160 -0.88 -37.27 -9.83
CA ASP D 160 0.46 -36.89 -9.50
C ASP D 160 0.91 -37.66 -8.28
N LYS D 161 2.20 -37.63 -8.07
CA LYS D 161 2.87 -38.21 -6.92
C LYS D 161 2.35 -37.67 -5.58
N CYS D 162 2.34 -38.48 -4.57
CA CYS D 162 1.91 -38.06 -3.30
C CYS D 162 2.76 -38.79 -2.24
N VAL D 163 3.11 -38.07 -1.17
CA VAL D 163 3.88 -38.64 -0.06
C VAL D 163 3.01 -38.92 1.15
N LEU D 164 3.07 -40.14 1.64
CA LEU D 164 2.50 -40.45 2.91
C LEU D 164 3.60 -40.81 3.90
N ASP D 165 3.26 -40.57 5.15
CA ASP D 165 4.14 -40.70 6.30
C ASP D 165 3.50 -41.61 7.33
N MET D 166 3.99 -42.82 7.46
CA MET D 166 3.54 -43.69 8.49
C MET D 166 4.37 -43.39 9.74
N ARG D 167 3.87 -42.50 10.55
CA ARG D 167 4.73 -41.84 11.54
C ARG D 167 5.25 -42.78 12.60
N SER D 168 4.47 -43.76 13.00
CA SER D 168 4.85 -44.67 14.02
C SER D 168 5.86 -45.65 13.55
N MET D 169 6.06 -45.72 12.26
CA MET D 169 7.08 -46.58 11.77
C MET D 169 8.29 -45.84 11.28
N ASP D 170 8.28 -44.53 11.40
CA ASP D 170 9.27 -43.68 10.84
C ASP D 170 9.51 -44.01 9.36
N PHE D 171 8.43 -44.12 8.63
CA PHE D 171 8.46 -44.50 7.24
C PHE D 171 7.66 -43.58 6.28
N LYS D 172 8.32 -43.16 5.23
CA LYS D 172 7.70 -42.41 4.18
C LYS D 172 7.73 -43.16 2.86
N SER D 173 6.68 -42.98 2.07
CA SER D 173 6.64 -43.50 0.74
C SER D 173 5.90 -42.57 -0.21
N ASN D 174 6.39 -42.56 -1.43
CA ASN D 174 5.76 -41.97 -2.58
C ASN D 174 4.75 -42.91 -3.28
N SER D 175 3.72 -42.33 -3.86
CA SER D 175 2.89 -43.10 -4.74
C SER D 175 2.14 -42.26 -5.77
N ALA D 176 1.73 -42.93 -6.83
CA ALA D 176 0.77 -42.41 -7.81
C ALA D 176 -0.26 -43.50 -8.13
N VAL D 177 -1.44 -43.09 -8.54
CA VAL D 177 -2.53 -44.00 -8.78
C VAL D 177 -2.97 -43.85 -10.22
N ALA D 178 -3.39 -44.92 -10.83
CA ALA D 178 -3.97 -44.84 -12.12
C ALA D 178 -5.18 -45.75 -12.27
N TRP D 179 -6.07 -45.36 -13.16
CA TRP D 179 -7.21 -46.14 -13.49
C TRP D 179 -7.74 -45.87 -14.88
N SER D 180 -8.56 -46.77 -15.34
CA SER D 180 -9.29 -46.60 -16.59
C SER D 180 -10.58 -47.41 -16.64
N ASN D 181 -11.52 -46.97 -17.45
CA ASN D 181 -12.72 -47.73 -17.75
C ASN D 181 -12.59 -48.74 -18.89
N LYS D 182 -11.50 -48.71 -19.62
CA LYS D 182 -11.31 -49.69 -20.69
C LYS D 182 -10.96 -50.98 -20.15
N SER D 183 -11.65 -52.02 -20.59
CA SER D 183 -11.45 -53.28 -19.96
C SER D 183 -10.17 -53.94 -20.42
N ASP D 184 -9.60 -53.48 -21.49
CA ASP D 184 -8.35 -54.07 -21.87
C ASP D 184 -7.16 -53.31 -21.31
N PHE D 185 -7.44 -52.35 -20.44
CA PHE D 185 -6.41 -51.64 -19.70
C PHE D 185 -5.60 -52.54 -18.81
N ALA D 186 -4.31 -52.35 -18.84
CA ALA D 186 -3.37 -52.90 -17.90
C ALA D 186 -2.57 -51.83 -17.17
N CYS D 187 -2.02 -52.17 -16.04
CA CYS D 187 -1.34 -51.19 -15.25
C CYS D 187 -0.17 -50.61 -16.01
N ALA D 188 0.45 -51.43 -16.84
CA ALA D 188 1.56 -51.02 -17.69
C ALA D 188 1.21 -49.97 -18.75
N ASN D 189 -0.07 -49.84 -19.03
CA ASN D 189 -0.50 -48.82 -19.90
C ASN D 189 -0.41 -47.44 -19.25
N ALA D 190 -0.30 -47.40 -17.95
CA ALA D 190 -0.13 -46.17 -17.29
C ALA D 190 1.30 -46.08 -16.78
N PHE D 191 1.69 -47.08 -16.04
CA PHE D 191 3.00 -47.11 -15.47
C PHE D 191 3.95 -48.00 -16.35
N ASN D 192 4.37 -47.42 -17.45
CA ASN D 192 5.14 -48.12 -18.46
C ASN D 192 6.62 -48.09 -18.08
N ASN D 193 7.42 -48.85 -18.81
CA ASN D 193 8.80 -48.97 -18.47
C ASN D 193 9.59 -47.70 -18.81
N SER D 194 8.95 -46.73 -19.40
CA SER D 194 9.55 -45.41 -19.56
C SER D 194 9.43 -44.55 -18.31
N ILE D 195 8.61 -44.99 -17.37
CA ILE D 195 8.38 -44.30 -16.12
C ILE D 195 8.94 -45.06 -14.92
N ILE D 196 8.69 -46.33 -14.88
CA ILE D 196 9.16 -47.13 -13.81
C ILE D 196 10.57 -47.65 -14.05
N PRO D 197 11.36 -47.73 -12.98
CA PRO D 197 12.73 -48.22 -13.09
C PRO D 197 12.87 -49.72 -13.35
N GLU D 198 14.08 -50.13 -13.73
CA GLU D 198 14.32 -51.49 -14.13
C GLU D 198 14.07 -52.54 -13.01
N ASP D 199 14.24 -52.11 -11.78
CA ASP D 199 14.10 -52.98 -10.62
C ASP D 199 12.73 -52.98 -9.97
N THR D 200 11.78 -52.40 -10.68
CA THR D 200 10.43 -52.35 -10.21
C THR D 200 9.85 -53.76 -9.99
N PHE D 201 9.26 -53.97 -8.82
CA PHE D 201 8.55 -55.18 -8.50
C PHE D 201 7.17 -55.05 -9.07
N PHE D 202 6.90 -55.90 -10.06
CA PHE D 202 5.66 -55.81 -10.80
C PHE D 202 5.12 -57.20 -11.20
N PRO D 203 4.61 -57.93 -10.25
CA PRO D 203 4.02 -59.23 -10.50
C PRO D 203 2.65 -59.13 -11.14
N SER D 204 2.27 -60.25 -11.71
CA SER D 204 0.95 -60.74 -12.02
C SER D 204 0.61 -60.44 -13.43
N GLN E 3 -10.33 -11.44 14.45
CA GLN E 3 -10.08 -12.29 13.33
C GLN E 3 -10.82 -11.73 12.07
N VAL E 4 -10.53 -12.27 10.91
CA VAL E 4 -11.27 -11.94 9.73
C VAL E 4 -12.21 -13.10 9.34
N THR E 5 -13.49 -12.79 9.23
CA THR E 5 -14.50 -13.77 9.11
C THR E 5 -15.20 -13.65 7.76
N GLN E 6 -14.98 -14.65 6.95
CA GLN E 6 -15.44 -14.69 5.59
C GLN E 6 -16.38 -15.85 5.33
N ASN E 7 -17.53 -15.57 4.78
CA ASN E 7 -18.47 -16.63 4.49
C ASN E 7 -19.22 -16.40 3.18
N PRO E 8 -19.64 -17.46 2.52
CA PRO E 8 -19.47 -18.85 2.86
C PRO E 8 -18.14 -19.45 2.37
N ARG E 9 -17.81 -20.61 2.87
CA ARG E 9 -16.62 -21.27 2.45
C ARG E 9 -16.72 -21.84 1.01
N TYR E 10 -17.89 -22.35 0.67
CA TYR E 10 -18.22 -22.90 -0.59
C TYR E 10 -19.56 -22.33 -1.07
N LEU E 11 -19.64 -22.11 -2.37
CA LEU E 11 -20.82 -21.55 -2.98
C LEU E 11 -20.99 -21.94 -4.42
N ILE E 12 -22.21 -22.32 -4.73
CA ILE E 12 -22.67 -22.56 -6.07
C ILE E 12 -23.80 -21.61 -6.45
N THR E 13 -23.68 -20.98 -7.58
CA THR E 13 -24.75 -20.19 -8.15
C THR E 13 -24.87 -20.42 -9.66
N VAL E 14 -26.08 -20.25 -10.16
CA VAL E 14 -26.28 -20.27 -11.56
C VAL E 14 -25.93 -18.93 -12.13
N THR E 15 -25.54 -18.90 -13.38
CA THR E 15 -25.21 -17.70 -14.03
C THR E 15 -26.29 -16.69 -13.88
N GLY E 16 -25.93 -15.47 -13.56
CA GLY E 16 -26.87 -14.41 -13.54
C GLY E 16 -27.61 -14.10 -12.25
N LYS E 17 -27.50 -14.97 -11.27
CA LYS E 17 -28.23 -14.81 -10.05
C LYS E 17 -27.38 -14.09 -8.99
N LYS E 18 -27.81 -12.95 -8.56
CA LYS E 18 -27.04 -12.14 -7.64
C LYS E 18 -26.62 -12.87 -6.38
N LEU E 19 -25.38 -12.65 -6.01
CA LEU E 19 -24.89 -13.18 -4.77
C LEU E 19 -24.01 -12.18 -4.02
N THR E 20 -23.91 -12.39 -2.73
CA THR E 20 -23.08 -11.58 -1.88
C THR E 20 -22.22 -12.45 -1.00
N VAL E 21 -20.94 -12.15 -0.98
CA VAL E 21 -19.99 -12.77 -0.09
C VAL E 21 -19.64 -11.80 1.03
N THR E 22 -19.74 -12.28 2.26
CA THR E 22 -19.52 -11.43 3.37
C THR E 22 -18.11 -11.52 3.93
N CYS E 23 -17.66 -10.39 4.44
CA CYS E 23 -16.42 -10.31 5.14
C CYS E 23 -16.50 -9.37 6.33
N SER E 24 -16.23 -9.93 7.49
CA SER E 24 -16.26 -9.24 8.72
C SER E 24 -14.96 -9.38 9.46
N GLN E 25 -14.54 -8.31 10.09
CA GLN E 25 -13.36 -8.31 10.92
C GLN E 25 -13.56 -7.50 12.16
N ASN E 26 -13.06 -8.02 13.24
CA ASN E 26 -13.08 -7.25 14.45
C ASN E 26 -11.68 -6.95 14.95
N MET E 27 -10.80 -6.58 14.04
CA MET E 27 -9.42 -6.33 14.35
C MET E 27 -8.99 -4.89 14.51
N ASN E 28 -9.84 -3.91 14.46
CA ASN E 28 -9.36 -2.55 14.64
C ASN E 28 -8.41 -2.21 13.50
N HIS E 29 -8.90 -2.50 12.31
CA HIS E 29 -8.26 -2.24 11.07
C HIS E 29 -9.15 -1.39 10.18
N GLU E 30 -8.59 -0.38 9.58
CA GLU E 30 -9.33 0.48 8.72
C GLU E 30 -9.34 -0.01 7.25
N TYR E 31 -8.29 -0.69 6.85
CA TYR E 31 -8.12 -1.14 5.49
C TYR E 31 -8.59 -2.60 5.24
N MET E 32 -9.45 -2.74 4.25
CA MET E 32 -9.94 -4.02 3.81
C MET E 32 -9.83 -4.13 2.29
N SER E 33 -9.65 -5.35 1.83
CA SER E 33 -9.64 -5.59 0.42
C SER E 33 -10.09 -6.97 -0.01
N TRP E 34 -10.48 -7.07 -1.26
CA TRP E 34 -10.89 -8.32 -1.85
C TRP E 34 -9.95 -8.75 -2.99
N TYR E 35 -9.63 -10.03 -2.99
CA TYR E 35 -8.80 -10.61 -4.01
C TYR E 35 -9.47 -11.84 -4.60
N ARG E 36 -9.04 -12.10 -5.80
CA ARG E 36 -9.33 -13.26 -6.55
C ARG E 36 -8.09 -14.11 -6.78
N GLN E 37 -8.14 -15.40 -6.49
CA GLN E 37 -7.03 -16.28 -6.71
C GLN E 37 -7.34 -17.28 -7.78
N ASP E 38 -6.58 -17.22 -8.86
CA ASP E 38 -6.74 -18.12 -9.97
C ASP E 38 -5.43 -18.76 -10.41
N PRO E 39 -5.53 -19.98 -10.99
CA PRO E 39 -4.35 -20.69 -11.46
C PRO E 39 -3.45 -19.87 -12.35
N GLY E 40 -2.25 -19.70 -11.88
CA GLY E 40 -1.26 -18.98 -12.62
C GLY E 40 -1.25 -17.47 -12.51
N LEU E 41 -2.23 -16.92 -11.84
CA LEU E 41 -2.41 -15.51 -11.84
C LEU E 41 -2.21 -14.88 -10.48
N GLY E 42 -2.01 -15.65 -9.47
CA GLY E 42 -1.77 -15.10 -8.17
C GLY E 42 -2.97 -14.50 -7.50
N LEU E 43 -2.78 -13.47 -6.72
CA LEU E 43 -3.82 -12.78 -6.02
C LEU E 43 -4.04 -11.43 -6.67
N ARG E 44 -5.16 -11.29 -7.34
CA ARG E 44 -5.52 -10.08 -7.99
C ARG E 44 -6.58 -9.33 -7.21
N GLN E 45 -6.32 -8.05 -7.05
CA GLN E 45 -7.19 -7.19 -6.26
C GLN E 45 -8.44 -6.77 -7.02
N ILE E 46 -9.57 -6.99 -6.38
CA ILE E 46 -10.87 -6.62 -6.94
C ILE E 46 -11.31 -5.18 -6.57
N TYR E 47 -11.38 -4.94 -5.29
CA TYR E 47 -11.71 -3.69 -4.73
C TYR E 47 -11.03 -3.58 -3.37
N TYR E 48 -10.81 -2.37 -2.93
CA TYR E 48 -10.30 -2.11 -1.61
C TYR E 48 -10.97 -0.89 -0.95
N SER E 49 -10.89 -0.88 0.34
CA SER E 49 -11.46 0.16 1.13
C SER E 49 -10.53 0.61 2.23
N MET E 50 -10.10 1.85 2.12
CA MET E 50 -9.17 2.43 3.05
C MET E 50 -9.76 2.79 4.42
N ASN E 51 -11.04 2.98 4.44
CA ASN E 51 -11.73 3.27 5.64
C ASN E 51 -13.21 3.28 5.38
N VAL E 52 -13.96 3.48 6.42
CA VAL E 52 -15.37 3.57 6.33
C VAL E 52 -15.84 4.49 5.22
N GLU E 53 -16.71 3.98 4.39
CA GLU E 53 -17.34 4.73 3.33
C GLU E 53 -16.35 5.18 2.20
N VAL E 54 -15.15 4.63 2.21
CA VAL E 54 -14.20 4.82 1.14
C VAL E 54 -13.94 3.53 0.41
N THR E 55 -14.16 3.53 -0.89
CA THR E 55 -13.97 2.38 -1.71
C THR E 55 -13.36 2.75 -3.03
N ASP E 56 -12.53 1.87 -3.55
CA ASP E 56 -11.75 2.14 -4.74
C ASP E 56 -11.53 0.85 -5.49
N LYS E 57 -11.56 0.90 -6.80
CA LYS E 57 -11.35 -0.26 -7.61
C LYS E 57 -9.94 -0.84 -7.54
N GLY E 58 -9.87 -2.15 -7.61
CA GLY E 58 -8.61 -2.79 -7.70
C GLY E 58 -8.20 -2.98 -9.13
N ASP E 59 -7.38 -3.99 -9.44
CA ASP E 59 -7.03 -4.23 -10.78
C ASP E 59 -8.03 -5.08 -11.58
N VAL E 60 -8.89 -5.83 -10.91
CA VAL E 60 -9.96 -6.51 -11.59
C VAL E 60 -11.38 -6.30 -11.01
N PRO E 61 -11.88 -5.10 -11.19
CA PRO E 61 -13.14 -4.73 -10.57
C PRO E 61 -14.38 -5.07 -11.32
N GLU E 62 -14.22 -5.42 -12.57
CA GLU E 62 -15.36 -5.60 -13.42
C GLU E 62 -16.24 -6.76 -12.97
N GLY E 63 -17.52 -6.48 -12.81
CA GLY E 63 -18.43 -7.52 -12.44
C GLY E 63 -18.64 -7.65 -10.96
N TYR E 64 -18.00 -6.78 -10.25
CA TYR E 64 -18.05 -6.76 -8.82
C TYR E 64 -18.46 -5.40 -8.27
N LYS E 65 -19.04 -5.38 -7.11
CA LYS E 65 -19.22 -4.19 -6.33
C LYS E 65 -19.01 -4.48 -4.86
N VAL E 66 -18.76 -3.42 -4.09
CA VAL E 66 -18.61 -3.55 -2.68
C VAL E 66 -19.31 -2.43 -1.95
N SER E 67 -19.38 -2.58 -0.65
CA SER E 67 -19.76 -1.50 0.21
C SER E 67 -19.00 -1.45 1.55
N ARG E 68 -18.83 -0.26 2.06
CA ARG E 68 -18.22 -0.09 3.33
C ARG E 68 -18.96 0.93 4.22
N LYS E 69 -20.12 0.53 4.67
CA LYS E 69 -20.90 1.38 5.53
C LYS E 69 -20.45 1.35 7.00
N GLU E 70 -19.67 0.38 7.38
CA GLU E 70 -19.08 0.39 8.65
C GLU E 70 -17.77 -0.34 8.62
N LYS E 71 -17.04 -0.14 9.67
CA LYS E 71 -15.67 -0.54 9.72
C LYS E 71 -15.49 -2.05 9.67
N ARG E 72 -16.35 -2.79 10.33
CA ARG E 72 -16.21 -4.21 10.50
C ARG E 72 -16.52 -5.01 9.23
N ASN E 73 -17.37 -4.49 8.39
CA ASN E 73 -17.88 -5.20 7.22
C ASN E 73 -17.48 -4.64 5.83
N PHE E 74 -17.26 -5.54 4.90
CA PHE E 74 -16.86 -5.23 3.54
C PHE E 74 -17.34 -6.34 2.58
N PRO E 75 -18.64 -6.35 2.28
CA PRO E 75 -19.17 -7.35 1.41
C PRO E 75 -18.84 -7.16 -0.03
N LEU E 76 -18.80 -8.28 -0.73
CA LEU E 76 -18.54 -8.35 -2.14
C LEU E 76 -19.80 -8.81 -2.85
N ILE E 77 -20.23 -7.99 -3.80
CA ILE E 77 -21.47 -8.25 -4.49
C ILE E 77 -21.22 -8.54 -5.93
N LEU E 78 -21.81 -9.63 -6.36
CA LEU E 78 -21.83 -10.01 -7.72
C LEU E 78 -23.26 -9.94 -8.24
N GLU E 79 -23.57 -8.90 -8.98
CA GLU E 79 -24.91 -8.65 -9.44
C GLU E 79 -25.36 -9.69 -10.44
N SER E 80 -24.45 -10.05 -11.30
CA SER E 80 -24.72 -10.99 -12.34
C SER E 80 -23.57 -11.91 -12.59
N PRO E 81 -23.47 -12.92 -11.77
CA PRO E 81 -22.36 -13.85 -11.79
C PRO E 81 -22.17 -14.54 -13.14
N SER E 82 -20.92 -14.60 -13.52
CA SER E 82 -20.45 -15.14 -14.75
C SER E 82 -19.54 -16.30 -14.48
N PRO E 83 -19.56 -17.29 -15.36
CA PRO E 83 -18.66 -18.42 -15.24
C PRO E 83 -17.21 -18.02 -15.07
N ASN E 84 -16.82 -16.89 -15.63
CA ASN E 84 -15.46 -16.47 -15.47
C ASN E 84 -15.18 -15.83 -14.13
N GLN E 85 -16.18 -15.83 -13.28
CA GLN E 85 -16.05 -15.38 -11.91
C GLN E 85 -15.97 -16.58 -10.96
N THR E 86 -15.94 -17.76 -11.55
CA THR E 86 -15.63 -18.92 -10.78
C THR E 86 -14.21 -18.77 -10.30
N SER E 87 -14.02 -18.83 -8.99
CA SER E 87 -12.71 -18.57 -8.39
C SER E 87 -12.64 -18.79 -6.93
N LEU E 88 -11.47 -18.54 -6.38
CA LEU E 88 -11.26 -18.55 -4.95
C LEU E 88 -11.08 -17.14 -4.44
N TYR E 89 -12.02 -16.67 -3.65
CA TYR E 89 -12.00 -15.32 -3.20
C TYR E 89 -11.48 -15.19 -1.77
N PHE E 90 -10.65 -14.17 -1.55
CA PHE E 90 -10.12 -13.86 -0.26
C PHE E 90 -10.38 -12.38 0.08
N CYS E 91 -10.93 -12.17 1.25
CA CYS E 91 -10.98 -10.88 1.90
C CYS E 91 -9.71 -10.74 2.77
N ALA E 92 -9.16 -9.55 2.88
CA ALA E 92 -8.10 -9.32 3.81
C ALA E 92 -8.18 -7.96 4.51
N SER E 93 -7.71 -7.89 5.72
CA SER E 93 -7.64 -6.61 6.38
C SER E 93 -6.24 -6.24 6.87
N SER E 94 -6.03 -4.95 7.02
CA SER E 94 -4.72 -4.49 7.38
C SER E 94 -4.76 -3.19 8.20
N LEU E 95 -3.80 -3.07 9.07
CA LEU E 95 -3.66 -1.87 9.89
C LEU E 95 -3.32 -0.63 9.07
N LEU E 96 -2.49 -0.83 8.06
CA LEU E 96 -2.02 0.17 7.18
C LEU E 96 -1.74 -0.44 5.82
N GLY E 97 -2.60 -0.15 4.89
CA GLY E 97 -2.43 -0.68 3.57
C GLY E 97 -1.16 -0.31 2.92
N GLY E 98 -0.58 -1.32 2.33
CA GLY E 98 0.68 -1.20 1.69
C GLY E 98 1.90 -1.30 2.58
N TRP E 99 1.68 -1.47 3.85
CA TRP E 99 2.75 -1.35 4.82
C TRP E 99 2.90 -2.47 5.84
N SER E 100 1.83 -3.21 6.02
CA SER E 100 1.72 -4.15 7.09
C SER E 100 1.05 -5.45 6.71
N GLU E 101 0.95 -6.33 7.69
CA GLU E 101 0.40 -7.63 7.47
C GLU E 101 -1.03 -7.56 7.00
N ALA E 102 -1.28 -8.32 5.94
CA ALA E 102 -2.59 -8.59 5.47
C ALA E 102 -3.10 -9.85 6.15
N PHE E 103 -4.21 -9.70 6.82
CA PHE E 103 -4.84 -10.78 7.48
C PHE E 103 -5.95 -11.27 6.62
N PHE E 104 -5.83 -12.50 6.18
CA PHE E 104 -6.75 -13.05 5.25
C PHE E 104 -7.91 -13.81 5.92
N GLY E 105 -9.04 -13.79 5.26
CA GLY E 105 -10.11 -14.65 5.58
C GLY E 105 -9.91 -16.06 5.01
N GLN E 106 -10.83 -16.96 5.33
CA GLN E 106 -10.66 -18.38 5.04
C GLN E 106 -10.80 -18.75 3.59
N GLY E 107 -11.39 -17.86 2.85
CA GLY E 107 -11.57 -18.06 1.46
C GLY E 107 -12.97 -18.50 1.12
N THR E 108 -13.45 -18.04 -0.02
CA THR E 108 -14.69 -18.51 -0.59
C THR E 108 -14.45 -19.11 -1.95
N ARG E 109 -14.84 -20.35 -2.07
CA ARG E 109 -14.77 -21.07 -3.28
C ARG E 109 -16.11 -21.05 -4.00
N LEU E 110 -16.16 -20.25 -5.05
CA LEU E 110 -17.33 -20.02 -5.82
C LEU E 110 -17.31 -20.67 -7.19
N THR E 111 -18.33 -21.44 -7.49
CA THR E 111 -18.52 -21.92 -8.80
C THR E 111 -19.82 -21.41 -9.41
N VAL E 112 -19.68 -20.73 -10.51
CA VAL E 112 -20.83 -20.25 -11.24
C VAL E 112 -21.13 -21.23 -12.37
N THR E 113 -22.31 -21.80 -12.34
CA THR E 113 -22.67 -22.83 -13.27
C THR E 113 -23.73 -22.38 -14.25
N GLU E 114 -23.71 -22.97 -15.41
CA GLU E 114 -24.72 -22.63 -16.38
C GLU E 114 -26.09 -23.17 -16.01
N ASP E 115 -26.10 -24.28 -15.31
CA ASP E 115 -27.29 -25.01 -15.00
C ASP E 115 -27.08 -25.86 -13.79
N LEU E 116 -28.03 -25.86 -12.87
CA LEU E 116 -27.89 -26.62 -11.67
C LEU E 116 -27.85 -28.12 -11.99
N LYS E 117 -28.42 -28.51 -13.12
CA LYS E 117 -28.31 -29.85 -13.68
C LYS E 117 -26.89 -30.40 -13.79
N ASN E 118 -25.94 -29.51 -13.85
CA ASN E 118 -24.59 -29.92 -14.00
C ASN E 118 -23.94 -30.36 -12.65
N VAL E 119 -24.64 -30.19 -11.57
CA VAL E 119 -24.10 -30.48 -10.26
C VAL E 119 -24.33 -31.95 -9.85
N PHE E 120 -23.26 -32.60 -9.46
CA PHE E 120 -23.27 -34.02 -9.16
C PHE E 120 -22.42 -34.32 -7.94
N PRO E 121 -22.94 -35.14 -7.06
CA PRO E 121 -22.19 -35.60 -5.92
C PRO E 121 -21.16 -36.63 -6.32
N PRO E 122 -20.21 -36.94 -5.47
CA PRO E 122 -19.27 -37.98 -5.79
C PRO E 122 -19.81 -39.37 -5.62
N GLU E 123 -19.33 -40.27 -6.43
CA GLU E 123 -19.39 -41.69 -6.17
C GLU E 123 -18.04 -42.07 -5.53
N VAL E 124 -18.08 -42.89 -4.51
CA VAL E 124 -16.87 -43.25 -3.81
C VAL E 124 -16.64 -44.74 -3.76
N ALA E 125 -15.40 -45.15 -3.98
CA ALA E 125 -15.04 -46.54 -3.96
C ALA E 125 -13.72 -46.77 -3.24
N VAL E 126 -13.65 -47.86 -2.53
CA VAL E 126 -12.41 -48.21 -1.88
C VAL E 126 -11.81 -49.47 -2.50
N PHE E 127 -10.53 -49.43 -2.77
CA PHE E 127 -9.81 -50.49 -3.37
C PHE E 127 -8.83 -51.10 -2.38
N GLU E 128 -8.91 -52.40 -2.26
CA GLU E 128 -8.24 -53.13 -1.20
C GLU E 128 -6.76 -53.44 -1.53
N PRO E 129 -5.95 -53.54 -0.50
CA PRO E 129 -4.55 -53.83 -0.66
C PRO E 129 -4.30 -55.07 -1.43
N SER E 130 -3.31 -55.01 -2.26
CA SER E 130 -2.79 -56.09 -3.04
C SER E 130 -2.08 -57.15 -2.18
N GLU E 131 -2.36 -58.42 -2.39
CA GLU E 131 -1.63 -59.46 -1.72
C GLU E 131 -0.12 -59.43 -2.09
N ALA E 132 0.18 -58.94 -3.24
CA ALA E 132 1.54 -58.84 -3.65
C ALA E 132 2.30 -57.80 -2.83
N GLU E 133 1.66 -56.71 -2.54
CA GLU E 133 2.23 -55.68 -1.69
C GLU E 133 2.44 -56.20 -0.28
N ILE E 134 1.44 -56.86 0.23
CA ILE E 134 1.48 -57.42 1.57
C ILE E 134 2.67 -58.37 1.73
N SER E 135 2.82 -59.25 0.76
CA SER E 135 3.89 -60.21 0.75
C SER E 135 5.27 -59.57 0.57
N HIS E 136 5.32 -58.51 -0.19
CA HIS E 136 6.59 -57.91 -0.55
C HIS E 136 7.10 -56.92 0.49
N THR E 137 6.17 -56.22 1.15
CA THR E 137 6.52 -55.13 1.99
C THR E 137 6.07 -55.26 3.46
N GLN E 138 5.18 -56.21 3.73
CA GLN E 138 4.50 -56.28 5.00
C GLN E 138 3.65 -55.04 5.29
N LYS E 139 3.33 -54.31 4.24
CA LYS E 139 2.45 -53.17 4.35
C LYS E 139 1.27 -53.34 3.42
N ALA E 140 0.27 -52.50 3.60
CA ALA E 140 -0.99 -52.61 2.87
C ALA E 140 -1.58 -51.25 2.55
N THR E 141 -1.66 -50.92 1.28
CA THR E 141 -2.20 -49.65 0.88
C THR E 141 -3.63 -49.79 0.33
N LEU E 142 -4.54 -49.07 0.96
CA LEU E 142 -5.88 -48.82 0.48
C LEU E 142 -5.93 -47.58 -0.41
N VAL E 143 -6.76 -47.63 -1.41
CA VAL E 143 -6.98 -46.48 -2.21
C VAL E 143 -8.45 -46.11 -2.29
N CYS E 144 -8.73 -44.84 -2.12
CA CYS E 144 -10.06 -44.30 -2.26
C CYS E 144 -10.10 -43.49 -3.55
N LEU E 145 -11.16 -43.74 -4.29
CA LEU E 145 -11.46 -42.98 -5.47
C LEU E 145 -12.85 -42.35 -5.42
N ALA E 146 -12.84 -41.04 -5.53
CA ALA E 146 -14.04 -40.26 -5.64
C ALA E 146 -14.15 -39.73 -7.06
N THR E 147 -15.27 -40.06 -7.70
CA THR E 147 -15.45 -39.81 -9.08
C THR E 147 -16.78 -39.12 -9.37
N GLY E 148 -16.81 -38.43 -10.48
CA GLY E 148 -18.02 -37.90 -11.05
C GLY E 148 -18.67 -36.73 -10.33
N PHE E 149 -17.92 -36.03 -9.49
CA PHE E 149 -18.44 -34.87 -8.84
C PHE E 149 -18.20 -33.56 -9.62
N TYR E 150 -19.14 -32.66 -9.42
CA TYR E 150 -19.10 -31.31 -9.91
C TYR E 150 -20.02 -30.47 -9.05
N PRO E 151 -19.50 -29.35 -8.56
CA PRO E 151 -18.16 -28.84 -8.75
C PRO E 151 -17.13 -29.53 -7.88
N ASP E 152 -15.90 -29.04 -7.96
CA ASP E 152 -14.82 -29.65 -7.24
C ASP E 152 -14.75 -29.17 -5.82
N HIS E 153 -15.82 -29.21 -5.10
CA HIS E 153 -15.82 -28.78 -3.75
C HIS E 153 -16.00 -29.97 -2.81
N VAL E 154 -14.91 -30.62 -2.50
CA VAL E 154 -14.94 -31.79 -1.68
C VAL E 154 -13.84 -31.79 -0.62
N GLU E 155 -14.10 -32.50 0.45
CA GLU E 155 -13.13 -32.80 1.52
C GLU E 155 -13.13 -34.28 1.82
N LEU E 156 -11.98 -34.91 1.64
CA LEU E 156 -11.83 -36.35 1.81
C LEU E 156 -11.06 -36.65 3.11
N SER E 157 -11.58 -37.62 3.84
CA SER E 157 -11.01 -38.11 5.06
C SER E 157 -11.09 -39.62 5.16
N TRP E 158 -10.16 -40.18 5.94
CA TRP E 158 -10.13 -41.58 6.28
C TRP E 158 -10.44 -41.81 7.78
N TRP E 159 -11.22 -42.84 8.02
CA TRP E 159 -11.69 -43.20 9.31
C TRP E 159 -11.43 -44.66 9.55
N VAL E 160 -10.66 -44.95 10.59
CA VAL E 160 -10.29 -46.31 10.90
C VAL E 160 -10.87 -46.63 12.25
N ASN E 161 -11.66 -47.68 12.32
CA ASN E 161 -12.39 -48.02 13.51
C ASN E 161 -13.09 -46.84 14.18
N GLY E 162 -13.62 -46.00 13.31
CA GLY E 162 -14.42 -44.90 13.70
C GLY E 162 -13.68 -43.65 14.08
N LYS E 163 -12.38 -43.66 13.97
CA LYS E 163 -11.66 -42.49 14.31
C LYS E 163 -10.95 -41.96 13.10
N GLU E 164 -10.99 -40.65 12.92
CA GLU E 164 -10.35 -40.10 11.75
C GLU E 164 -8.83 -40.22 11.91
N VAL E 165 -8.16 -40.59 10.84
CA VAL E 165 -6.72 -40.69 10.86
C VAL E 165 -6.04 -39.82 9.83
N HIS E 166 -4.80 -39.49 10.09
CA HIS E 166 -3.96 -38.72 9.21
C HIS E 166 -2.62 -39.36 8.93
N SER E 167 -2.16 -40.14 9.86
CA SER E 167 -0.97 -40.88 9.63
C SER E 167 -1.25 -41.90 8.53
N GLY E 168 -0.30 -42.03 7.63
CA GLY E 168 -0.32 -42.98 6.57
C GLY E 168 -1.24 -42.62 5.42
N VAL E 169 -1.61 -41.38 5.37
CA VAL E 169 -2.55 -40.91 4.40
C VAL E 169 -1.93 -39.90 3.45
N CYS E 170 -2.27 -39.99 2.20
CA CYS E 170 -2.06 -38.85 1.36
C CYS E 170 -3.12 -38.77 0.30
N THR E 171 -3.64 -37.58 0.17
CA THR E 171 -4.66 -37.30 -0.77
C THR E 171 -4.15 -36.38 -1.90
N ASP E 172 -4.62 -36.60 -3.11
CA ASP E 172 -4.25 -35.74 -4.19
C ASP E 172 -4.57 -34.29 -3.83
N PRO E 173 -3.65 -33.39 -4.09
CA PRO E 173 -3.89 -32.00 -3.81
C PRO E 173 -4.93 -31.42 -4.67
N GLN E 174 -5.01 -31.86 -5.91
CA GLN E 174 -6.02 -31.39 -6.80
C GLN E 174 -6.69 -32.50 -7.56
N PRO E 175 -7.99 -32.36 -7.81
CA PRO E 175 -8.75 -33.32 -8.57
C PRO E 175 -8.37 -33.26 -10.01
N LEU E 176 -8.78 -34.26 -10.71
CA LEU E 176 -8.53 -34.46 -12.06
C LEU E 176 -9.83 -34.18 -12.83
N LYS E 177 -9.76 -33.59 -14.00
CA LYS E 177 -10.95 -33.47 -14.80
C LYS E 177 -11.17 -34.75 -15.59
N GLU E 178 -12.36 -35.30 -15.50
CA GLU E 178 -12.64 -36.52 -16.22
C GLU E 178 -12.64 -36.32 -17.75
N GLN E 179 -13.02 -35.14 -18.18
CA GLN E 179 -13.07 -34.82 -19.58
C GLN E 179 -12.75 -33.36 -19.77
N PRO E 180 -11.48 -33.06 -19.84
CA PRO E 180 -11.04 -31.68 -19.79
C PRO E 180 -11.61 -30.69 -20.80
N ALA E 181 -11.95 -31.15 -21.99
CA ALA E 181 -12.53 -30.27 -23.00
C ALA E 181 -13.96 -29.77 -22.67
N LEU E 182 -14.60 -30.43 -21.73
CA LEU E 182 -15.93 -29.99 -21.32
C LEU E 182 -15.85 -28.93 -20.24
N ASN E 183 -16.58 -27.85 -20.42
CA ASN E 183 -16.49 -26.77 -19.50
C ASN E 183 -17.15 -27.12 -18.17
N ASP E 184 -17.90 -28.18 -18.13
CA ASP E 184 -18.51 -28.62 -16.90
C ASP E 184 -18.08 -30.00 -16.49
N SER E 185 -16.88 -30.36 -16.90
CA SER E 185 -16.35 -31.65 -16.65
C SER E 185 -16.47 -32.01 -15.20
N ARG E 186 -16.91 -33.20 -14.95
CA ARG E 186 -16.92 -33.72 -13.62
C ARG E 186 -15.49 -34.14 -13.23
N TYR E 187 -15.30 -34.39 -11.94
CA TYR E 187 -14.01 -34.53 -11.38
C TYR E 187 -13.79 -35.87 -10.69
N ALA E 188 -12.53 -36.21 -10.54
CA ALA E 188 -12.12 -37.35 -9.75
C ALA E 188 -10.94 -37.02 -8.81
N LEU E 189 -10.88 -37.72 -7.70
CA LEU E 189 -9.87 -37.54 -6.69
C LEU E 189 -9.49 -38.81 -6.00
N SER E 190 -8.20 -39.03 -5.80
CA SER E 190 -7.74 -40.21 -5.10
C SER E 190 -7.01 -39.90 -3.81
N SER E 191 -7.05 -40.89 -2.96
CA SER E 191 -6.33 -40.92 -1.74
C SER E 191 -5.88 -42.34 -1.37
N ARG E 192 -4.78 -42.37 -0.66
CA ARG E 192 -4.21 -43.57 -0.12
C ARG E 192 -4.14 -43.56 1.39
N LEU E 193 -4.37 -44.73 1.95
CA LEU E 193 -4.13 -44.99 3.31
C LEU E 193 -3.29 -46.25 3.41
N ARG E 194 -2.17 -46.15 4.09
CA ARG E 194 -1.31 -47.29 4.22
C ARG E 194 -1.17 -47.73 5.67
N VAL E 195 -1.36 -49.01 5.89
CA VAL E 195 -1.26 -49.60 7.17
C VAL E 195 -0.35 -50.82 7.16
N SER E 196 -0.14 -51.37 8.33
CA SER E 196 0.60 -52.58 8.40
C SER E 196 -0.21 -53.75 7.85
N ALA E 197 0.45 -54.71 7.26
CA ALA E 197 -0.22 -55.87 6.76
C ALA E 197 -0.94 -56.56 7.88
N THR E 198 -0.33 -56.61 9.04
CA THR E 198 -0.97 -57.22 10.16
C THR E 198 -2.31 -56.52 10.50
N PHE E 199 -2.29 -55.20 10.45
CA PHE E 199 -3.46 -54.43 10.77
C PHE E 199 -4.56 -54.70 9.78
N TRP E 200 -4.20 -54.78 8.52
CA TRP E 200 -5.14 -55.07 7.45
C TRP E 200 -5.68 -56.50 7.54
N GLN E 201 -4.87 -57.40 8.03
CA GLN E 201 -5.30 -58.78 8.05
C GLN E 201 -6.24 -59.11 9.21
N ASN E 202 -6.61 -58.13 9.99
CA ASN E 202 -7.57 -58.32 11.05
C ASN E 202 -8.95 -57.92 10.58
N PRO E 203 -9.81 -58.89 10.46
CA PRO E 203 -11.13 -58.64 9.93
C PRO E 203 -12.03 -57.78 10.80
N ARG E 204 -11.62 -57.49 12.01
CA ARG E 204 -12.37 -56.58 12.80
C ARG E 204 -12.05 -55.10 12.56
N ASN E 205 -10.97 -54.88 11.83
CA ASN E 205 -10.56 -53.56 11.45
C ASN E 205 -11.32 -53.07 10.20
N HIS E 206 -11.69 -51.82 10.27
CA HIS E 206 -12.69 -51.17 9.46
C HIS E 206 -12.10 -49.86 8.90
N PHE E 207 -12.15 -49.70 7.60
CA PHE E 207 -11.53 -48.59 6.91
C PHE E 207 -12.52 -47.86 5.99
N ARG E 208 -12.80 -46.60 6.30
CA ARG E 208 -13.80 -45.84 5.62
C ARG E 208 -13.24 -44.60 5.01
N CYS E 209 -13.48 -44.44 3.71
CA CYS E 209 -13.15 -43.24 2.99
C CYS E 209 -14.41 -42.38 2.94
N GLN E 210 -14.31 -41.19 3.50
CA GLN E 210 -15.42 -40.28 3.54
C GLN E 210 -15.17 -39.02 2.70
N VAL E 211 -16.13 -38.70 1.86
CA VAL E 211 -16.10 -37.51 1.07
C VAL E 211 -17.27 -36.59 1.36
N GLN E 212 -16.96 -35.44 1.93
CA GLN E 212 -17.89 -34.35 2.11
C GLN E 212 -17.96 -33.54 0.82
N PHE E 213 -19.17 -33.41 0.31
CA PHE E 213 -19.45 -32.70 -0.91
C PHE E 213 -20.25 -31.49 -0.54
N TYR E 214 -19.84 -30.36 -1.10
CA TYR E 214 -20.58 -29.18 -0.93
C TYR E 214 -21.34 -28.89 -2.18
N GLY E 215 -22.65 -28.93 -2.02
CA GLY E 215 -23.56 -28.85 -3.10
C GLY E 215 -24.65 -27.83 -2.99
N LEU E 216 -25.81 -28.19 -3.49
CA LEU E 216 -27.00 -27.36 -3.47
C LEU E 216 -27.60 -27.22 -2.06
N SER E 217 -28.27 -26.09 -1.85
CA SER E 217 -28.97 -25.83 -0.61
C SER E 217 -30.38 -26.31 -0.63
N GLU E 218 -30.95 -26.35 0.57
CA GLU E 218 -32.36 -26.48 0.86
C GLU E 218 -33.17 -25.70 -0.09
N ASN E 219 -32.83 -24.43 -0.22
CA ASN E 219 -33.66 -23.53 -0.96
C ASN E 219 -33.59 -23.71 -2.47
N ASP E 220 -32.56 -24.37 -3.00
CA ASP E 220 -32.36 -24.43 -4.43
C ASP E 220 -33.43 -25.27 -5.06
N GLU E 221 -33.91 -24.86 -6.21
CA GLU E 221 -34.91 -25.59 -6.96
C GLU E 221 -34.27 -26.75 -7.63
N TRP E 222 -35.02 -27.81 -7.75
CA TRP E 222 -34.51 -28.96 -8.37
C TRP E 222 -35.59 -29.71 -9.12
N THR E 223 -35.43 -29.88 -10.42
CA THR E 223 -36.48 -30.54 -11.15
C THR E 223 -36.08 -31.75 -11.90
N GLN E 224 -34.93 -32.30 -11.62
CA GLN E 224 -34.47 -33.43 -12.35
C GLN E 224 -34.94 -34.61 -11.65
N ASP E 225 -34.90 -35.77 -12.26
CA ASP E 225 -35.43 -36.93 -11.55
C ASP E 225 -34.44 -37.57 -10.66
N ARG E 226 -33.14 -37.39 -10.86
CA ARG E 226 -32.22 -37.90 -9.90
C ARG E 226 -32.29 -37.12 -8.63
N ALA E 227 -31.77 -37.71 -7.59
CA ALA E 227 -31.79 -37.09 -6.32
C ALA E 227 -31.11 -35.76 -6.38
N LYS E 228 -31.62 -34.82 -5.61
CA LYS E 228 -31.06 -33.50 -5.57
C LYS E 228 -29.66 -33.55 -4.97
N PRO E 229 -28.68 -33.02 -5.66
CA PRO E 229 -27.29 -33.07 -5.19
C PRO E 229 -26.91 -31.99 -4.15
N VAL E 230 -27.49 -32.15 -3.00
CA VAL E 230 -27.25 -31.29 -1.90
C VAL E 230 -25.92 -31.59 -1.25
N THR E 231 -25.52 -30.74 -0.34
CA THR E 231 -24.39 -30.98 0.50
C THR E 231 -24.57 -32.27 1.28
N GLN E 232 -23.57 -33.10 1.21
CA GLN E 232 -23.68 -34.42 1.74
C GLN E 232 -22.31 -35.10 1.89
N ILE E 233 -22.34 -36.19 2.66
CA ILE E 233 -21.26 -37.12 2.78
C ILE E 233 -21.53 -38.41 2.03
N VAL E 234 -20.56 -38.80 1.21
CA VAL E 234 -20.56 -40.06 0.51
C VAL E 234 -19.35 -40.89 0.93
N SER E 235 -19.61 -42.13 1.31
CA SER E 235 -18.58 -42.99 1.85
C SER E 235 -18.49 -44.34 1.17
N ALA E 236 -17.33 -44.94 1.28
CA ALA E 236 -17.12 -46.35 1.05
C ALA E 236 -16.17 -46.93 2.12
N GLU E 237 -16.36 -48.20 2.42
CA GLU E 237 -15.66 -48.84 3.48
C GLU E 237 -15.19 -50.25 3.15
N ALA E 238 -14.09 -50.62 3.72
CA ALA E 238 -13.56 -51.93 3.61
C ALA E 238 -13.26 -52.49 4.96
N TRP E 239 -13.38 -53.79 5.11
CA TRP E 239 -12.97 -54.47 6.32
C TRP E 239 -11.78 -55.35 6.03
N GLY E 240 -10.93 -55.51 7.01
CA GLY E 240 -9.77 -56.34 6.83
C GLY E 240 -10.08 -57.79 6.48
N ARG E 241 -9.09 -58.46 5.90
CA ARG E 241 -9.21 -59.81 5.46
C ARG E 241 -8.04 -60.62 5.92
N ALA E 242 -8.31 -61.75 6.54
CA ALA E 242 -7.26 -62.61 6.93
C ALA E 242 -6.62 -63.31 5.76
#